data_1UB9
# 
_entry.id   1UB9 
# 
_audit_conform.dict_name       mmcif_pdbx.dic 
_audit_conform.dict_version    5.383 
_audit_conform.dict_location   http://mmcif.pdb.org/dictionaries/ascii/mmcif_pdbx.dic 
# 
loop_
_database_2.database_id 
_database_2.database_code 
_database_2.pdbx_database_accession 
_database_2.pdbx_DOI 
PDB   1UB9         pdb_00001ub9 10.2210/pdb1ub9/pdb 
RCSB  RCSB005644   ?            ?                   
WWPDB D_1000005644 ?            ?                   
# 
loop_
_pdbx_audit_revision_history.ordinal 
_pdbx_audit_revision_history.data_content_type 
_pdbx_audit_revision_history.major_revision 
_pdbx_audit_revision_history.minor_revision 
_pdbx_audit_revision_history.revision_date 
1 'Structure model' 1 0 2004-05-04 
2 'Structure model' 1 1 2008-04-27 
3 'Structure model' 1 2 2011-07-13 
4 'Structure model' 1 3 2011-11-16 
5 'Structure model' 1 4 2023-12-27 
# 
_pdbx_audit_revision_details.ordinal             1 
_pdbx_audit_revision_details.revision_ordinal    1 
_pdbx_audit_revision_details.data_content_type   'Structure model' 
_pdbx_audit_revision_details.provider            repository 
_pdbx_audit_revision_details.type                'Initial release' 
_pdbx_audit_revision_details.description         ? 
_pdbx_audit_revision_details.details             ? 
# 
loop_
_pdbx_audit_revision_group.ordinal 
_pdbx_audit_revision_group.revision_ordinal 
_pdbx_audit_revision_group.data_content_type 
_pdbx_audit_revision_group.group 
1 2 'Structure model' 'Version format compliance' 
2 3 'Structure model' 'Derived calculations'      
3 3 'Structure model' 'Source and taxonomy'       
4 3 'Structure model' 'Version format compliance' 
5 4 'Structure model' 'Atomic model'              
6 5 'Structure model' 'Data collection'           
7 5 'Structure model' 'Database references'       
# 
loop_
_pdbx_audit_revision_category.ordinal 
_pdbx_audit_revision_category.revision_ordinal 
_pdbx_audit_revision_category.data_content_type 
_pdbx_audit_revision_category.category 
1 5 'Structure model' chem_comp_atom 
2 5 'Structure model' chem_comp_bond 
3 5 'Structure model' database_2     
# 
loop_
_pdbx_audit_revision_item.ordinal 
_pdbx_audit_revision_item.revision_ordinal 
_pdbx_audit_revision_item.data_content_type 
_pdbx_audit_revision_item.item 
1 5 'Structure model' '_database_2.pdbx_DOI'                
2 5 'Structure model' '_database_2.pdbx_database_accession' 
# 
_pdbx_database_status.status_code                     REL 
_pdbx_database_status.entry_id                        1UB9 
_pdbx_database_status.recvd_initial_deposition_date   2003-04-03 
_pdbx_database_status.deposit_site                    PDBJ 
_pdbx_database_status.process_site                    PDBJ 
_pdbx_database_status.status_code_sf                  REL 
_pdbx_database_status.status_code_mr                  ? 
_pdbx_database_status.SG_entry                        ? 
_pdbx_database_status.pdb_format_compatible           Y 
_pdbx_database_status.status_code_cs                  ? 
_pdbx_database_status.status_code_nmr_data            ? 
_pdbx_database_status.methods_development_category    ? 
# 
loop_
_audit_author.name 
_audit_author.pdbx_ordinal 
'Okada, U.'    1 
'Sakai, N.'    2 
'Tajika, Y.'   3 
'Yao, M.'      4 
'Watanabe, N.' 5 
'Tanaka, I.'   6 
# 
_citation.id                        primary 
_citation.title                     
'Structural analysis of the transcriptional regulator homolog protein from Pyrococcus horikoshii OT3.' 
_citation.journal_abbrev            Proteins 
_citation.journal_volume            63 
_citation.page_first                1084 
_citation.page_last                 1086 
_citation.year                      2006 
_citation.journal_id_ASTM           PSFGEY 
_citation.country                   US 
_citation.journal_id_ISSN           0887-3585 
_citation.journal_id_CSD            0867 
_citation.book_publisher            ? 
_citation.pdbx_database_id_PubMed   16506234 
_citation.pdbx_database_id_DOI      10.1002/prot.20913 
# 
loop_
_citation_author.citation_id 
_citation_author.name 
_citation_author.ordinal 
_citation_author.identifier_ORCID 
primary 'Okada, U.'    1 ? 
primary 'Sakai, N.'    2 ? 
primary 'Yao, M.'      3 ? 
primary 'Watanabe, N.' 4 ? 
primary 'Tanaka, I.'   5 ? 
# 
loop_
_entity.id 
_entity.type 
_entity.src_method 
_entity.pdbx_description 
_entity.formula_weight 
_entity.pdbx_number_of_molecules 
_entity.pdbx_ec 
_entity.pdbx_mutation 
_entity.pdbx_fragment 
_entity.details 
1 polymer man 'Hypothetical protein PH1061' 11402.514 1  ? ? ? ? 
2 water   nat water                         18.015    57 ? ? ? ? 
# 
_entity_name_com.entity_id   1 
_entity_name_com.name        'transcriptional regulator homologue protein' 
# 
_entity_poly.entity_id                      1 
_entity_poly.type                           'polypeptide(L)' 
_entity_poly.nstd_linkage                   no 
_entity_poly.nstd_monomer                   no 
_entity_poly.pdbx_seq_one_letter_code       
;MEELKEIMKSHILGNPVRLGIMIFLLPRRKAPFSQIQKVLDLTPGNLDSHIRVLERNGLVKTYKVIADRPRTVVEITDFG
MEEAKRFLSSLKAVIDGLDL
;
_entity_poly.pdbx_seq_one_letter_code_can   
;MEELKEIMKSHILGNPVRLGIMIFLLPRRKAPFSQIQKVLDLTPGNLDSHIRVLERNGLVKTYKVIADRPRTVVEITDFG
MEEAKRFLSSLKAVIDGLDL
;
_entity_poly.pdbx_strand_id                 A 
_entity_poly.pdbx_target_identifier         ? 
# 
_pdbx_entity_nonpoly.entity_id   2 
_pdbx_entity_nonpoly.name        water 
_pdbx_entity_nonpoly.comp_id     HOH 
# 
loop_
_entity_poly_seq.entity_id 
_entity_poly_seq.num 
_entity_poly_seq.mon_id 
_entity_poly_seq.hetero 
1 1   MET n 
1 2   GLU n 
1 3   GLU n 
1 4   LEU n 
1 5   LYS n 
1 6   GLU n 
1 7   ILE n 
1 8   MET n 
1 9   LYS n 
1 10  SER n 
1 11  HIS n 
1 12  ILE n 
1 13  LEU n 
1 14  GLY n 
1 15  ASN n 
1 16  PRO n 
1 17  VAL n 
1 18  ARG n 
1 19  LEU n 
1 20  GLY n 
1 21  ILE n 
1 22  MET n 
1 23  ILE n 
1 24  PHE n 
1 25  LEU n 
1 26  LEU n 
1 27  PRO n 
1 28  ARG n 
1 29  ARG n 
1 30  LYS n 
1 31  ALA n 
1 32  PRO n 
1 33  PHE n 
1 34  SER n 
1 35  GLN n 
1 36  ILE n 
1 37  GLN n 
1 38  LYS n 
1 39  VAL n 
1 40  LEU n 
1 41  ASP n 
1 42  LEU n 
1 43  THR n 
1 44  PRO n 
1 45  GLY n 
1 46  ASN n 
1 47  LEU n 
1 48  ASP n 
1 49  SER n 
1 50  HIS n 
1 51  ILE n 
1 52  ARG n 
1 53  VAL n 
1 54  LEU n 
1 55  GLU n 
1 56  ARG n 
1 57  ASN n 
1 58  GLY n 
1 59  LEU n 
1 60  VAL n 
1 61  LYS n 
1 62  THR n 
1 63  TYR n 
1 64  LYS n 
1 65  VAL n 
1 66  ILE n 
1 67  ALA n 
1 68  ASP n 
1 69  ARG n 
1 70  PRO n 
1 71  ARG n 
1 72  THR n 
1 73  VAL n 
1 74  VAL n 
1 75  GLU n 
1 76  ILE n 
1 77  THR n 
1 78  ASP n 
1 79  PHE n 
1 80  GLY n 
1 81  MET n 
1 82  GLU n 
1 83  GLU n 
1 84  ALA n 
1 85  LYS n 
1 86  ARG n 
1 87  PHE n 
1 88  LEU n 
1 89  SER n 
1 90  SER n 
1 91  LEU n 
1 92  LYS n 
1 93  ALA n 
1 94  VAL n 
1 95  ILE n 
1 96  ASP n 
1 97  GLY n 
1 98  LEU n 
1 99  ASP n 
1 100 LEU n 
# 
_entity_src_gen.entity_id                          1 
_entity_src_gen.pdbx_src_id                        1 
_entity_src_gen.pdbx_alt_source_flag               sample 
_entity_src_gen.pdbx_seq_type                      ? 
_entity_src_gen.pdbx_beg_seq_num                   ? 
_entity_src_gen.pdbx_end_seq_num                   ? 
_entity_src_gen.gene_src_common_name               ? 
_entity_src_gen.gene_src_genus                     Pyrococcus 
_entity_src_gen.pdbx_gene_src_gene                 PH1061 
_entity_src_gen.gene_src_species                   'Pyrococcus horikoshii' 
_entity_src_gen.gene_src_strain                    OT3 
_entity_src_gen.gene_src_tissue                    ? 
_entity_src_gen.gene_src_tissue_fraction           ? 
_entity_src_gen.gene_src_details                   ? 
_entity_src_gen.pdbx_gene_src_fragment             ? 
_entity_src_gen.pdbx_gene_src_scientific_name      'Pyrococcus horikoshii' 
_entity_src_gen.pdbx_gene_src_ncbi_taxonomy_id     70601 
_entity_src_gen.pdbx_gene_src_variant              ? 
_entity_src_gen.pdbx_gene_src_cell_line            ? 
_entity_src_gen.pdbx_gene_src_atcc                 ? 
_entity_src_gen.pdbx_gene_src_organ                ? 
_entity_src_gen.pdbx_gene_src_organelle            ? 
_entity_src_gen.pdbx_gene_src_cell                 ? 
_entity_src_gen.pdbx_gene_src_cellular_location    ? 
_entity_src_gen.host_org_common_name               ? 
_entity_src_gen.pdbx_host_org_scientific_name      'Escherichia coli' 
_entity_src_gen.pdbx_host_org_ncbi_taxonomy_id     562 
_entity_src_gen.host_org_genus                     Escherichia 
_entity_src_gen.pdbx_host_org_gene                 ? 
_entity_src_gen.pdbx_host_org_organ                ? 
_entity_src_gen.host_org_species                   ? 
_entity_src_gen.pdbx_host_org_tissue               ? 
_entity_src_gen.pdbx_host_org_tissue_fraction      ? 
_entity_src_gen.pdbx_host_org_strain               'B834(DE3)Codon+' 
_entity_src_gen.pdbx_host_org_variant              ? 
_entity_src_gen.pdbx_host_org_cell_line            ? 
_entity_src_gen.pdbx_host_org_atcc                 ? 
_entity_src_gen.pdbx_host_org_culture_collection   ? 
_entity_src_gen.pdbx_host_org_cell                 ? 
_entity_src_gen.pdbx_host_org_organelle            ? 
_entity_src_gen.pdbx_host_org_cellular_location    ? 
_entity_src_gen.pdbx_host_org_vector_type          PLASMID 
_entity_src_gen.pdbx_host_org_vector               ? 
_entity_src_gen.host_org_details                   ? 
_entity_src_gen.expression_system_id               ? 
_entity_src_gen.plasmid_name                       pET22b 
_entity_src_gen.plasmid_details                    ? 
_entity_src_gen.pdbx_description                   ? 
# 
loop_
_chem_comp.id 
_chem_comp.type 
_chem_comp.mon_nstd_flag 
_chem_comp.name 
_chem_comp.pdbx_synonyms 
_chem_comp.formula 
_chem_comp.formula_weight 
ALA 'L-peptide linking' y ALANINE         ? 'C3 H7 N O2'     89.093  
ARG 'L-peptide linking' y ARGININE        ? 'C6 H15 N4 O2 1' 175.209 
ASN 'L-peptide linking' y ASPARAGINE      ? 'C4 H8 N2 O3'    132.118 
ASP 'L-peptide linking' y 'ASPARTIC ACID' ? 'C4 H7 N O4'     133.103 
GLN 'L-peptide linking' y GLUTAMINE       ? 'C5 H10 N2 O3'   146.144 
GLU 'L-peptide linking' y 'GLUTAMIC ACID' ? 'C5 H9 N O4'     147.129 
GLY 'peptide linking'   y GLYCINE         ? 'C2 H5 N O2'     75.067  
HIS 'L-peptide linking' y HISTIDINE       ? 'C6 H10 N3 O2 1' 156.162 
HOH non-polymer         . WATER           ? 'H2 O'           18.015  
ILE 'L-peptide linking' y ISOLEUCINE      ? 'C6 H13 N O2'    131.173 
LEU 'L-peptide linking' y LEUCINE         ? 'C6 H13 N O2'    131.173 
LYS 'L-peptide linking' y LYSINE          ? 'C6 H15 N2 O2 1' 147.195 
MET 'L-peptide linking' y METHIONINE      ? 'C5 H11 N O2 S'  149.211 
PHE 'L-peptide linking' y PHENYLALANINE   ? 'C9 H11 N O2'    165.189 
PRO 'L-peptide linking' y PROLINE         ? 'C5 H9 N O2'     115.130 
SER 'L-peptide linking' y SERINE          ? 'C3 H7 N O3'     105.093 
THR 'L-peptide linking' y THREONINE       ? 'C4 H9 N O3'     119.119 
TYR 'L-peptide linking' y TYROSINE        ? 'C9 H11 N O3'    181.189 
VAL 'L-peptide linking' y VALINE          ? 'C5 H11 N O2'    117.146 
# 
loop_
_pdbx_poly_seq_scheme.asym_id 
_pdbx_poly_seq_scheme.entity_id 
_pdbx_poly_seq_scheme.seq_id 
_pdbx_poly_seq_scheme.mon_id 
_pdbx_poly_seq_scheme.ndb_seq_num 
_pdbx_poly_seq_scheme.pdb_seq_num 
_pdbx_poly_seq_scheme.auth_seq_num 
_pdbx_poly_seq_scheme.pdb_mon_id 
_pdbx_poly_seq_scheme.auth_mon_id 
_pdbx_poly_seq_scheme.pdb_strand_id 
_pdbx_poly_seq_scheme.pdb_ins_code 
_pdbx_poly_seq_scheme.hetero 
A 1 1   MET 1   1   1   MET MET A . n 
A 1 2   GLU 2   2   2   GLU GLU A . n 
A 1 3   GLU 3   3   3   GLU GLU A . n 
A 1 4   LEU 4   4   4   LEU LEU A . n 
A 1 5   LYS 5   5   5   LYS LYS A . n 
A 1 6   GLU 6   6   6   GLU GLU A . n 
A 1 7   ILE 7   7   7   ILE ILE A . n 
A 1 8   MET 8   8   8   MET MET A . n 
A 1 9   LYS 9   9   9   LYS LYS A . n 
A 1 10  SER 10  10  10  SER SER A . n 
A 1 11  HIS 11  11  11  HIS HIS A . n 
A 1 12  ILE 12  12  12  ILE ILE A . n 
A 1 13  LEU 13  13  13  LEU LEU A . n 
A 1 14  GLY 14  14  14  GLY GLY A . n 
A 1 15  ASN 15  15  15  ASN ASN A . n 
A 1 16  PRO 16  16  16  PRO PRO A . n 
A 1 17  VAL 17  17  17  VAL VAL A . n 
A 1 18  ARG 18  18  18  ARG ARG A . n 
A 1 19  LEU 19  19  19  LEU LEU A . n 
A 1 20  GLY 20  20  20  GLY GLY A . n 
A 1 21  ILE 21  21  21  ILE ILE A . n 
A 1 22  MET 22  22  22  MET MET A . n 
A 1 23  ILE 23  23  23  ILE ILE A . n 
A 1 24  PHE 24  24  24  PHE PHE A . n 
A 1 25  LEU 25  25  25  LEU LEU A . n 
A 1 26  LEU 26  26  26  LEU LEU A . n 
A 1 27  PRO 27  27  27  PRO PRO A . n 
A 1 28  ARG 28  28  28  ARG ARG A . n 
A 1 29  ARG 29  29  29  ARG ARG A . n 
A 1 30  LYS 30  30  30  LYS LYS A . n 
A 1 31  ALA 31  31  31  ALA ALA A . n 
A 1 32  PRO 32  32  32  PRO PRO A . n 
A 1 33  PHE 33  33  33  PHE PHE A . n 
A 1 34  SER 34  34  34  SER SER A . n 
A 1 35  GLN 35  35  35  GLN GLN A . n 
A 1 36  ILE 36  36  36  ILE ILE A . n 
A 1 37  GLN 37  37  37  GLN GLN A . n 
A 1 38  LYS 38  38  38  LYS LYS A . n 
A 1 39  VAL 39  39  39  VAL VAL A . n 
A 1 40  LEU 40  40  40  LEU LEU A . n 
A 1 41  ASP 41  41  41  ASP ASP A . n 
A 1 42  LEU 42  42  42  LEU LEU A . n 
A 1 43  THR 43  43  43  THR THR A . n 
A 1 44  PRO 44  44  44  PRO PRO A . n 
A 1 45  GLY 45  45  45  GLY GLY A . n 
A 1 46  ASN 46  46  46  ASN ASN A . n 
A 1 47  LEU 47  47  47  LEU LEU A . n 
A 1 48  ASP 48  48  48  ASP ASP A . n 
A 1 49  SER 49  49  49  SER SER A . n 
A 1 50  HIS 50  50  50  HIS HIS A . n 
A 1 51  ILE 51  51  51  ILE ILE A . n 
A 1 52  ARG 52  52  52  ARG ARG A . n 
A 1 53  VAL 53  53  53  VAL VAL A . n 
A 1 54  LEU 54  54  54  LEU LEU A . n 
A 1 55  GLU 55  55  55  GLU GLU A . n 
A 1 56  ARG 56  56  56  ARG ARG A . n 
A 1 57  ASN 57  57  57  ASN ASN A . n 
A 1 58  GLY 58  58  58  GLY GLY A . n 
A 1 59  LEU 59  59  59  LEU LEU A . n 
A 1 60  VAL 60  60  60  VAL VAL A . n 
A 1 61  LYS 61  61  61  LYS LYS A . n 
A 1 62  THR 62  62  62  THR THR A . n 
A 1 63  TYR 63  63  63  TYR TYR A . n 
A 1 64  LYS 64  64  64  LYS LYS A . n 
A 1 65  VAL 65  65  65  VAL VAL A . n 
A 1 66  ILE 66  66  66  ILE ILE A . n 
A 1 67  ALA 67  67  67  ALA ALA A . n 
A 1 68  ASP 68  68  68  ASP ASP A . n 
A 1 69  ARG 69  69  69  ARG ARG A . n 
A 1 70  PRO 70  70  70  PRO PRO A . n 
A 1 71  ARG 71  71  71  ARG ARG A . n 
A 1 72  THR 72  72  72  THR THR A . n 
A 1 73  VAL 73  73  73  VAL VAL A . n 
A 1 74  VAL 74  74  74  VAL VAL A . n 
A 1 75  GLU 75  75  75  GLU GLU A . n 
A 1 76  ILE 76  76  76  ILE ILE A . n 
A 1 77  THR 77  77  77  THR THR A . n 
A 1 78  ASP 78  78  78  ASP ASP A . n 
A 1 79  PHE 79  79  79  PHE PHE A . n 
A 1 80  GLY 80  80  80  GLY GLY A . n 
A 1 81  MET 81  81  81  MET MET A . n 
A 1 82  GLU 82  82  82  GLU GLU A . n 
A 1 83  GLU 83  83  83  GLU GLU A . n 
A 1 84  ALA 84  84  84  ALA ALA A . n 
A 1 85  LYS 85  85  85  LYS LYS A . n 
A 1 86  ARG 86  86  86  ARG ARG A . n 
A 1 87  PHE 87  87  87  PHE PHE A . n 
A 1 88  LEU 88  88  88  LEU LEU A . n 
A 1 89  SER 89  89  89  SER SER A . n 
A 1 90  SER 90  90  90  SER SER A . n 
A 1 91  LEU 91  91  91  LEU LEU A . n 
A 1 92  LYS 92  92  92  LYS LYS A . n 
A 1 93  ALA 93  93  93  ALA ALA A . n 
A 1 94  VAL 94  94  94  VAL VAL A . n 
A 1 95  ILE 95  95  95  ILE ILE A . n 
A 1 96  ASP 96  96  96  ASP ASP A . n 
A 1 97  GLY 97  97  97  GLY GLY A . n 
A 1 98  LEU 98  98  98  LEU LEU A . n 
A 1 99  ASP 99  99  99  ASP ASP A . n 
A 1 100 LEU 100 100 100 LEU LEU A . n 
# 
loop_
_pdbx_nonpoly_scheme.asym_id 
_pdbx_nonpoly_scheme.entity_id 
_pdbx_nonpoly_scheme.mon_id 
_pdbx_nonpoly_scheme.ndb_seq_num 
_pdbx_nonpoly_scheme.pdb_seq_num 
_pdbx_nonpoly_scheme.auth_seq_num 
_pdbx_nonpoly_scheme.pdb_mon_id 
_pdbx_nonpoly_scheme.auth_mon_id 
_pdbx_nonpoly_scheme.pdb_strand_id 
_pdbx_nonpoly_scheme.pdb_ins_code 
B 2 HOH 1  101 1  HOH HOH A . 
B 2 HOH 2  102 2  HOH HOH A . 
B 2 HOH 3  103 3  HOH HOH A . 
B 2 HOH 4  104 4  HOH HOH A . 
B 2 HOH 5  105 5  HOH HOH A . 
B 2 HOH 6  106 6  HOH HOH A . 
B 2 HOH 7  107 7  HOH HOH A . 
B 2 HOH 8  108 8  HOH HOH A . 
B 2 HOH 9  109 9  HOH HOH A . 
B 2 HOH 10 110 10 HOH HOH A . 
B 2 HOH 11 111 11 HOH HOH A . 
B 2 HOH 12 112 12 HOH HOH A . 
B 2 HOH 13 113 13 HOH HOH A . 
B 2 HOH 14 114 14 HOH HOH A . 
B 2 HOH 15 115 15 HOH HOH A . 
B 2 HOH 16 116 16 HOH HOH A . 
B 2 HOH 17 117 17 HOH HOH A . 
B 2 HOH 18 118 18 HOH HOH A . 
B 2 HOH 19 119 19 HOH HOH A . 
B 2 HOH 20 120 20 HOH HOH A . 
B 2 HOH 21 121 21 HOH HOH A . 
B 2 HOH 22 122 22 HOH HOH A . 
B 2 HOH 23 123 23 HOH HOH A . 
B 2 HOH 24 124 24 HOH HOH A . 
B 2 HOH 25 125 25 HOH HOH A . 
B 2 HOH 26 126 26 HOH HOH A . 
B 2 HOH 27 127 27 HOH HOH A . 
B 2 HOH 28 128 28 HOH HOH A . 
B 2 HOH 29 129 29 HOH HOH A . 
B 2 HOH 30 130 30 HOH HOH A . 
B 2 HOH 31 131 31 HOH HOH A . 
B 2 HOH 32 132 32 HOH HOH A . 
B 2 HOH 33 133 33 HOH HOH A . 
B 2 HOH 34 134 34 HOH HOH A . 
B 2 HOH 35 135 35 HOH HOH A . 
B 2 HOH 36 136 36 HOH HOH A . 
B 2 HOH 37 137 37 HOH HOH A . 
B 2 HOH 38 138 38 HOH HOH A . 
B 2 HOH 39 139 39 HOH HOH A . 
B 2 HOH 40 140 40 HOH HOH A . 
B 2 HOH 41 141 41 HOH HOH A . 
B 2 HOH 42 142 42 HOH HOH A . 
B 2 HOH 43 143 43 HOH HOH A . 
B 2 HOH 44 144 44 HOH HOH A . 
B 2 HOH 45 145 45 HOH HOH A . 
B 2 HOH 46 146 46 HOH HOH A . 
B 2 HOH 47 147 47 HOH HOH A . 
B 2 HOH 48 148 48 HOH HOH A . 
B 2 HOH 49 149 49 HOH HOH A . 
B 2 HOH 50 150 50 HOH HOH A . 
B 2 HOH 51 151 51 HOH HOH A . 
B 2 HOH 52 152 52 HOH HOH A . 
B 2 HOH 53 153 53 HOH HOH A . 
B 2 HOH 54 154 54 HOH HOH A . 
B 2 HOH 55 155 55 HOH HOH A . 
B 2 HOH 56 156 56 HOH HOH A . 
B 2 HOH 57 157 57 HOH HOH A . 
# 
loop_
_software.name 
_software.classification 
_software.version 
_software.citation_id 
_software.pdbx_ordinal 
HKL-2000  'data collection' . ? 1 
SCALEPACK 'data scaling'    . ? 2 
SHARP     phasing           . ? 3 
CNS       refinement        . ? 4 
HKL-2000  'data reduction'  . ? 5 
# 
_cell.entry_id           1UB9 
_cell.length_a           45.159 
_cell.length_b           45.159 
_cell.length_c           96.175 
_cell.angle_alpha        90.00 
_cell.angle_beta         90.00 
_cell.angle_gamma        90.00 
_cell.pdbx_unique_axis   ? 
_cell.Z_PDB              8 
# 
_symmetry.entry_id                         1UB9 
_symmetry.space_group_name_H-M             'P 43 21 2' 
_symmetry.pdbx_full_space_group_name_H-M   ? 
_symmetry.Int_Tables_number                96 
_symmetry.cell_setting                     ? 
_symmetry.space_group_name_Hall            ? 
# 
_exptl.entry_id          1UB9 
_exptl.method            'X-RAY DIFFRACTION' 
_exptl.crystals_number   1 
# 
_exptl_crystal.id                    1 
_exptl_crystal.density_meas          ? 
_exptl_crystal.density_Matthews      1.94 
_exptl_crystal.density_percent_sol   43 
_exptl_crystal.description           ? 
_exptl_crystal.F_000                 ? 
_exptl_crystal.preparation           ? 
# 
_exptl_crystal_grow.crystal_id      1 
_exptl_crystal_grow.method          'VAPOR DIFFUSION, HANGING DROP' 
_exptl_crystal_grow.temp            293.0 
_exptl_crystal_grow.temp_details    ? 
_exptl_crystal_grow.pH              8.3 
_exptl_crystal_grow.pdbx_details    'ammonium phosphate, pH 8.3, VAPOR DIFFUSION, HANGING DROP, temperature 293.0K' 
_exptl_crystal_grow.pdbx_pH_range   . 
# 
_diffrn.id                     1 
_diffrn.ambient_temp           100.0 
_diffrn.ambient_temp_details   ? 
_diffrn.crystal_id             1 
# 
_diffrn_detector.diffrn_id              1 
_diffrn_detector.detector               CCD 
_diffrn_detector.type                   MARRESEARCH 
_diffrn_detector.pdbx_collection_date   2003-02-08 
_diffrn_detector.details                mirrors 
# 
_diffrn_radiation.diffrn_id                        1 
_diffrn_radiation.wavelength_id                    1 
_diffrn_radiation.pdbx_monochromatic_or_laue_m_l   M 
_diffrn_radiation.monochromator                    mirrors 
_diffrn_radiation.pdbx_diffrn_protocol             MAD 
_diffrn_radiation.pdbx_scattering_type             x-ray 
# 
loop_
_diffrn_radiation_wavelength.id 
_diffrn_radiation_wavelength.wavelength 
_diffrn_radiation_wavelength.wt 
1 0.9000 1.0 
2 0.9794 1.0 
3 0.9796 1.0 
# 
_diffrn_source.diffrn_id                   1 
_diffrn_source.source                      SYNCHROTRON 
_diffrn_source.type                        'SPRING-8 BEAMLINE BL41XU' 
_diffrn_source.pdbx_synchrotron_site       SPring-8 
_diffrn_source.pdbx_synchrotron_beamline   BL41XU 
_diffrn_source.pdbx_wavelength             ? 
_diffrn_source.pdbx_wavelength_list        0.9000,0.9794,0.9796 
# 
_reflns.entry_id                     1UB9 
_reflns.observed_criterion_sigma_F   ? 
_reflns.observed_criterion_sigma_I   0.0 
_reflns.d_resolution_high            2.05 
_reflns.d_resolution_low             33.0 
_reflns.number_all                   6696 
_reflns.number_obs                   6696 
_reflns.percent_possible_obs         99.5 
_reflns.pdbx_Rmerge_I_obs            0.06 
_reflns.pdbx_Rsym_value              ? 
_reflns.pdbx_netI_over_sigmaI        13.8 
_reflns.B_iso_Wilson_estimate        45.1 
_reflns.pdbx_redundancy              13.7 
_reflns.R_free_details               ? 
_reflns.limit_h_max                  ? 
_reflns.limit_h_min                  ? 
_reflns.limit_k_max                  ? 
_reflns.limit_k_min                  ? 
_reflns.limit_l_max                  ? 
_reflns.limit_l_min                  ? 
_reflns.observed_criterion_F_max     ? 
_reflns.observed_criterion_F_min     ? 
_reflns.pdbx_chi_squared             ? 
_reflns.pdbx_scaling_rejects         ? 
_reflns.pdbx_ordinal                 1 
_reflns.pdbx_diffrn_id               1 
# 
_reflns_shell.d_res_high             2.05 
_reflns_shell.d_res_low              2.12 
_reflns_shell.percent_possible_all   100.0 
_reflns_shell.Rmerge_I_obs           0.234 
_reflns_shell.pdbx_Rsym_value        ? 
_reflns_shell.meanI_over_sigI_obs    ? 
_reflns_shell.pdbx_redundancy        14.0 
_reflns_shell.percent_possible_obs   ? 
_reflns_shell.number_unique_all      635 
_reflns_shell.number_measured_all    ? 
_reflns_shell.number_measured_obs    ? 
_reflns_shell.number_unique_obs      ? 
_reflns_shell.pdbx_chi_squared       ? 
_reflns_shell.pdbx_ordinal           1 
_reflns_shell.pdbx_diffrn_id         1 
# 
_refine.entry_id                                 1UB9 
_refine.ls_d_res_high                            2.05 
_refine.ls_d_res_low                             10 
_refine.pdbx_ls_sigma_F                          0.0 
_refine.pdbx_ls_sigma_I                          0.0 
_refine.ls_number_reflns_all                     6591 
_refine.ls_number_reflns_obs                     6591 
_refine.ls_number_reflns_R_free                  645 
_refine.ls_percent_reflns_obs                    99.3 
_refine.ls_R_factor_all                          ? 
_refine.ls_R_factor_obs                          ? 
_refine.ls_R_factor_R_work                       0.216 
_refine.ls_R_factor_R_free                       0.242 
_refine.ls_redundancy_reflns_obs                 ? 
_refine.pdbx_data_cutoff_high_absF               ? 
_refine.pdbx_data_cutoff_low_absF                ? 
_refine.ls_number_parameters                     ? 
_refine.ls_number_restraints                     ? 
_refine.ls_percent_reflns_R_free                 9.0 
_refine.ls_R_factor_R_free_error                 ? 
_refine.ls_R_factor_R_free_error_details         ? 
_refine.pdbx_method_to_determine_struct          MAD 
_refine.pdbx_starting_model                      ? 
_refine.pdbx_ls_cross_valid_method               THROUGHOUT 
_refine.pdbx_R_Free_selection_details            RANDOM 
_refine.pdbx_stereochem_target_val_spec_case     ? 
_refine.pdbx_stereochemistry_target_values       'Engh & Huber' 
_refine.solvent_model_details                    ? 
_refine.solvent_model_param_bsol                 55.8 
_refine.solvent_model_param_ksol                 0.3944 
_refine.occupancy_max                            ? 
_refine.occupancy_min                            ? 
_refine.pdbx_isotropic_thermal_model             isotropic 
_refine.B_iso_mean                               39.37 
_refine.aniso_B[1][1]                            -5.18 
_refine.aniso_B[1][2]                            0.00 
_refine.aniso_B[1][3]                            0.00 
_refine.aniso_B[2][2]                            -5.18 
_refine.aniso_B[2][3]                            0.00 
_refine.aniso_B[3][3]                            10.36 
_refine.details                                  ? 
_refine.B_iso_min                                ? 
_refine.B_iso_max                                ? 
_refine.correlation_coeff_Fo_to_Fc               ? 
_refine.correlation_coeff_Fo_to_Fc_free          ? 
_refine.pdbx_solvent_vdw_probe_radii             ? 
_refine.pdbx_solvent_ion_probe_radii             ? 
_refine.pdbx_solvent_shrinkage_radii             ? 
_refine.overall_SU_R_Cruickshank_DPI             ? 
_refine.overall_SU_R_free                        ? 
_refine.overall_SU_B                             ? 
_refine.overall_SU_ML                            ? 
_refine.pdbx_overall_ESU_R                       ? 
_refine.pdbx_overall_ESU_R_Free                  ? 
_refine.pdbx_data_cutoff_high_rms_absF           ? 
_refine.ls_wR_factor_R_free                      ? 
_refine.ls_wR_factor_R_work                      ? 
_refine.overall_FOM_free_R_set                   ? 
_refine.overall_FOM_work_R_set                   ? 
_refine.pdbx_refine_id                           'X-RAY DIFFRACTION' 
_refine.pdbx_diffrn_id                           1 
_refine.pdbx_TLS_residual_ADP_flag               ? 
_refine.pdbx_overall_phase_error                 ? 
_refine.pdbx_overall_SU_R_free_Cruickshank_DPI   ? 
_refine.pdbx_overall_SU_R_Blow_DPI               ? 
_refine.pdbx_overall_SU_R_free_Blow_DPI          ? 
# 
_refine_analyze.entry_id                        1UB9 
_refine_analyze.Luzzati_coordinate_error_obs    0.24 
_refine_analyze.Luzzati_sigma_a_obs             0.28 
_refine_analyze.Luzzati_d_res_low_obs           5.0 
_refine_analyze.Luzzati_coordinate_error_free   0.12 
_refine_analyze.Luzzati_sigma_a_free            0.15 
_refine_analyze.Luzzati_d_res_low_free          ? 
_refine_analyze.number_disordered_residues      ? 
_refine_analyze.occupancy_sum_non_hydrogen      ? 
_refine_analyze.occupancy_sum_hydrogen          ? 
_refine_analyze.pdbx_Luzzati_d_res_high_obs     ? 
_refine_analyze.pdbx_refine_id                  'X-RAY DIFFRACTION' 
# 
_refine_hist.pdbx_refine_id                   'X-RAY DIFFRACTION' 
_refine_hist.cycle_id                         LAST 
_refine_hist.pdbx_number_atoms_protein        799 
_refine_hist.pdbx_number_atoms_nucleic_acid   0 
_refine_hist.pdbx_number_atoms_ligand         0 
_refine_hist.number_atoms_solvent             57 
_refine_hist.number_atoms_total               856 
_refine_hist.d_res_high                       2.05 
_refine_hist.d_res_low                        10 
# 
loop_
_refine_ls_restr.type 
_refine_ls_restr.dev_ideal 
_refine_ls_restr.dev_ideal_target 
_refine_ls_restr.weight 
_refine_ls_restr.number 
_refine_ls_restr.pdbx_refine_id 
_refine_ls_restr.pdbx_restraint_function 
c_bond_d           0.006715 ? ? ? 'X-RAY DIFFRACTION' ? 
c_angle_deg        1.22058  ? ? ? 'X-RAY DIFFRACTION' ? 
c_dihedral_angle_d 18.97157 ? ? ? 'X-RAY DIFFRACTION' ? 
c_improper_angle_d 0.96676  ? ? ? 'X-RAY DIFFRACTION' ? 
c_mcbond_it        1.598    ? ? ? 'X-RAY DIFFRACTION' ? 
c_mcangle_it       2.527    ? ? ? 'X-RAY DIFFRACTION' ? 
c_scbond_it        2.926    ? ? ? 'X-RAY DIFFRACTION' ? 
c_scangle_it       4.043    ? ? ? 'X-RAY DIFFRACTION' ? 
# 
_refine_ls_shell.pdbx_total_number_of_bins_used   10 
_refine_ls_shell.d_res_high                       2.05 
_refine_ls_shell.d_res_low                        2.12 
_refine_ls_shell.number_reflns_R_work             537 
_refine_ls_shell.R_factor_R_work                  0.228 
_refine_ls_shell.percent_reflns_obs               94.8 
_refine_ls_shell.R_factor_R_free                  0.284 
_refine_ls_shell.R_factor_R_free_error            ? 
_refine_ls_shell.percent_reflns_R_free            10.2 
_refine_ls_shell.number_reflns_R_free             65 
_refine_ls_shell.number_reflns_obs                602 
_refine_ls_shell.redundancy_reflns_obs            ? 
_refine_ls_shell.number_reflns_all                ? 
_refine_ls_shell.R_factor_all                     ? 
_refine_ls_shell.pdbx_refine_id                   'X-RAY DIFFRACTION' 
# 
_pdbx_xplor_file.serial_no        1 
_pdbx_xplor_file.param_file       protein_rep.param 
_pdbx_xplor_file.topol_file       protein.top 
_pdbx_xplor_file.pdbx_refine_id   'X-RAY DIFFRACTION' 
# 
_struct.entry_id                  1UB9 
_struct.title                     'Structure of the transcriptional regulator homologue protein from Pyrococcus horikoshii OT3' 
_struct.pdbx_model_details        ? 
_struct.pdbx_CASP_flag            ? 
_struct.pdbx_model_type_details   ? 
# 
_struct_keywords.entry_id        1UB9 
_struct_keywords.pdbx_keywords   TRANSCRIPTION 
_struct_keywords.text            'helix-turn-helix motif, winged helix motif, STRUCTURAL GENOMICS, TRANSCRIPTION' 
# 
loop_
_struct_asym.id 
_struct_asym.pdbx_blank_PDB_chainid_flag 
_struct_asym.pdbx_modified 
_struct_asym.entity_id 
_struct_asym.details 
A N N 1 ? 
B N N 2 ? 
# 
_struct_ref.id                         1 
_struct_ref.db_name                    UNP 
_struct_ref.db_code                    O58788_PYRHO 
_struct_ref.entity_id                  1 
_struct_ref.pdbx_seq_one_letter_code   
;MEELKEIMKSHILGNPVRLGIMIFLLPRRKAPFSQIQKVLDLTPGNLDSHIRVLERNGLVKTYKVIADRPRTVVEITDFG
MEEAKRFLSSLKAVIDGLDL
;
_struct_ref.pdbx_align_begin           ? 
_struct_ref.pdbx_db_accession          O58788 
_struct_ref.pdbx_db_isoform            ? 
# 
_struct_ref_seq.align_id                      1 
_struct_ref_seq.ref_id                        1 
_struct_ref_seq.pdbx_PDB_id_code              1UB9 
_struct_ref_seq.pdbx_strand_id                A 
_struct_ref_seq.seq_align_beg                 1 
_struct_ref_seq.pdbx_seq_align_beg_ins_code   ? 
_struct_ref_seq.seq_align_end                 100 
_struct_ref_seq.pdbx_seq_align_end_ins_code   ? 
_struct_ref_seq.pdbx_db_accession             O58788 
_struct_ref_seq.db_align_beg                  1 
_struct_ref_seq.pdbx_db_align_beg_ins_code    ? 
_struct_ref_seq.db_align_end                  100 
_struct_ref_seq.pdbx_db_align_end_ins_code    ? 
_struct_ref_seq.pdbx_auth_seq_align_beg       1 
_struct_ref_seq.pdbx_auth_seq_align_end       100 
# 
_pdbx_struct_assembly.id                   1 
_pdbx_struct_assembly.details              author_and_software_defined_assembly 
_pdbx_struct_assembly.method_details       PISA,PQS 
_pdbx_struct_assembly.oligomeric_details   dimeric 
_pdbx_struct_assembly.oligomeric_count     2 
# 
loop_
_pdbx_struct_assembly_prop.biol_id 
_pdbx_struct_assembly_prop.type 
_pdbx_struct_assembly_prop.value 
_pdbx_struct_assembly_prop.details 
1 'ABSA (A^2)' 2580  ? 
1 MORE         -31   ? 
1 'SSA (A^2)'  10670 ? 
# 
_pdbx_struct_assembly_gen.assembly_id       1 
_pdbx_struct_assembly_gen.oper_expression   1,2 
_pdbx_struct_assembly_gen.asym_id_list      A,B 
# 
loop_
_pdbx_struct_oper_list.id 
_pdbx_struct_oper_list.type 
_pdbx_struct_oper_list.name 
_pdbx_struct_oper_list.symmetry_operation 
_pdbx_struct_oper_list.matrix[1][1] 
_pdbx_struct_oper_list.matrix[1][2] 
_pdbx_struct_oper_list.matrix[1][3] 
_pdbx_struct_oper_list.vector[1] 
_pdbx_struct_oper_list.matrix[2][1] 
_pdbx_struct_oper_list.matrix[2][2] 
_pdbx_struct_oper_list.matrix[2][3] 
_pdbx_struct_oper_list.vector[2] 
_pdbx_struct_oper_list.matrix[3][1] 
_pdbx_struct_oper_list.matrix[3][2] 
_pdbx_struct_oper_list.matrix[3][3] 
_pdbx_struct_oper_list.vector[3] 
1 'identity operation'         1_555 x,y,z  1.0000000000  0.0000000000  0.0000000000 0.0000000000 0.0000000000  1.0000000000  0.0000000000  0.0000000000  0.0000000000 0.0000000000  1.0000000000 0.0000000000 
2 'crystal symmetry operation' 7_555 y,x,-z -0.9733214917 -0.0831649477 0.2138430856 0.3979826152 -0.0831649477 -0.7407498029 -0.6666133220 20.8797658422 0.2138430856 -0.6666133220 0.7140712946 8.0706235987 
# 
_struct_biol.id                    1 
_struct_biol.details               'The biological assembly is a dimer by the operation: y, x,-z.' 
_struct_biol.pdbx_parent_biol_id   ? 
# 
loop_
_struct_conf.conf_type_id 
_struct_conf.id 
_struct_conf.pdbx_PDB_helix_id 
_struct_conf.beg_label_comp_id 
_struct_conf.beg_label_asym_id 
_struct_conf.beg_label_seq_id 
_struct_conf.pdbx_beg_PDB_ins_code 
_struct_conf.end_label_comp_id 
_struct_conf.end_label_asym_id 
_struct_conf.end_label_seq_id 
_struct_conf.pdbx_end_PDB_ins_code 
_struct_conf.beg_auth_comp_id 
_struct_conf.beg_auth_asym_id 
_struct_conf.beg_auth_seq_id 
_struct_conf.end_auth_comp_id 
_struct_conf.end_auth_asym_id 
_struct_conf.end_auth_seq_id 
_struct_conf.pdbx_PDB_helix_class 
_struct_conf.details 
_struct_conf.pdbx_PDB_helix_length 
HELX_P HELX_P1 1 MET A 1  ? LYS A 9  ? MET A 1  LYS A 9  1 ? 9  
HELX_P HELX_P2 2 SER A 10 ? ASN A 15 ? SER A 10 ASN A 15 1 ? 6  
HELX_P HELX_P3 3 ASN A 15 ? ARG A 29 ? ASN A 15 ARG A 29 1 ? 15 
HELX_P HELX_P4 4 PHE A 33 ? LEU A 40 ? PHE A 33 LEU A 40 1 ? 8  
HELX_P HELX_P5 5 THR A 43 ? ASN A 57 ? THR A 43 ASN A 57 1 ? 15 
HELX_P HELX_P6 6 THR A 77 ? ASP A 99 ? THR A 77 ASP A 99 1 ? 23 
# 
_struct_conf_type.id          HELX_P 
_struct_conf_type.criteria    ? 
_struct_conf_type.reference   ? 
# 
_struct_sheet.id               A 
_struct_sheet.type             ? 
_struct_sheet.number_strands   3 
_struct_sheet.details          ? 
# 
loop_
_struct_sheet_order.sheet_id 
_struct_sheet_order.range_id_1 
_struct_sheet_order.range_id_2 
_struct_sheet_order.offset 
_struct_sheet_order.sense 
A 1 2 ? anti-parallel 
A 2 3 ? anti-parallel 
# 
loop_
_struct_sheet_range.sheet_id 
_struct_sheet_range.id 
_struct_sheet_range.beg_label_comp_id 
_struct_sheet_range.beg_label_asym_id 
_struct_sheet_range.beg_label_seq_id 
_struct_sheet_range.pdbx_beg_PDB_ins_code 
_struct_sheet_range.end_label_comp_id 
_struct_sheet_range.end_label_asym_id 
_struct_sheet_range.end_label_seq_id 
_struct_sheet_range.pdbx_end_PDB_ins_code 
_struct_sheet_range.beg_auth_comp_id 
_struct_sheet_range.beg_auth_asym_id 
_struct_sheet_range.beg_auth_seq_id 
_struct_sheet_range.end_auth_comp_id 
_struct_sheet_range.end_auth_asym_id 
_struct_sheet_range.end_auth_seq_id 
A 1 LYS A 30 ? PRO A 32 ? LYS A 30 PRO A 32 
A 2 ARG A 71 ? ILE A 76 ? ARG A 71 ILE A 76 
A 3 VAL A 60 ? VAL A 65 ? VAL A 60 VAL A 65 
# 
loop_
_pdbx_struct_sheet_hbond.sheet_id 
_pdbx_struct_sheet_hbond.range_id_1 
_pdbx_struct_sheet_hbond.range_id_2 
_pdbx_struct_sheet_hbond.range_1_label_atom_id 
_pdbx_struct_sheet_hbond.range_1_label_comp_id 
_pdbx_struct_sheet_hbond.range_1_label_asym_id 
_pdbx_struct_sheet_hbond.range_1_label_seq_id 
_pdbx_struct_sheet_hbond.range_1_PDB_ins_code 
_pdbx_struct_sheet_hbond.range_1_auth_atom_id 
_pdbx_struct_sheet_hbond.range_1_auth_comp_id 
_pdbx_struct_sheet_hbond.range_1_auth_asym_id 
_pdbx_struct_sheet_hbond.range_1_auth_seq_id 
_pdbx_struct_sheet_hbond.range_2_label_atom_id 
_pdbx_struct_sheet_hbond.range_2_label_comp_id 
_pdbx_struct_sheet_hbond.range_2_label_asym_id 
_pdbx_struct_sheet_hbond.range_2_label_seq_id 
_pdbx_struct_sheet_hbond.range_2_PDB_ins_code 
_pdbx_struct_sheet_hbond.range_2_auth_atom_id 
_pdbx_struct_sheet_hbond.range_2_auth_comp_id 
_pdbx_struct_sheet_hbond.range_2_auth_asym_id 
_pdbx_struct_sheet_hbond.range_2_auth_seq_id 
A 1 2 N ALA A 31 ? N ALA A 31 O VAL A 74 ? O VAL A 74 
A 2 3 O ARG A 71 ? O ARG A 71 N VAL A 65 ? N VAL A 65 
# 
loop_
_pdbx_validate_torsion.id 
_pdbx_validate_torsion.PDB_model_num 
_pdbx_validate_torsion.auth_comp_id 
_pdbx_validate_torsion.auth_asym_id 
_pdbx_validate_torsion.auth_seq_id 
_pdbx_validate_torsion.PDB_ins_code 
_pdbx_validate_torsion.label_alt_id 
_pdbx_validate_torsion.phi 
_pdbx_validate_torsion.psi 
1 1 ARG A 29 ? ? 70.09   -46.82 
2 1 ALA A 67 ? ? -70.34  29.18  
3 1 ASP A 68 ? ? 77.09   45.36  
4 1 ARG A 69 ? ? -172.23 70.87  
5 1 ASP A 99 ? ? 61.36   82.84  
# 
_pdbx_struct_special_symmetry.id              1 
_pdbx_struct_special_symmetry.PDB_model_num   1 
_pdbx_struct_special_symmetry.auth_asym_id    A 
_pdbx_struct_special_symmetry.auth_comp_id    HOH 
_pdbx_struct_special_symmetry.auth_seq_id     155 
_pdbx_struct_special_symmetry.PDB_ins_code    ? 
_pdbx_struct_special_symmetry.label_asym_id   B 
_pdbx_struct_special_symmetry.label_comp_id   HOH 
_pdbx_struct_special_symmetry.label_seq_id    . 
# 
loop_
_chem_comp_atom.comp_id 
_chem_comp_atom.atom_id 
_chem_comp_atom.type_symbol 
_chem_comp_atom.pdbx_aromatic_flag 
_chem_comp_atom.pdbx_stereo_config 
_chem_comp_atom.pdbx_ordinal 
ALA N    N N N 1   
ALA CA   C N S 2   
ALA C    C N N 3   
ALA O    O N N 4   
ALA CB   C N N 5   
ALA OXT  O N N 6   
ALA H    H N N 7   
ALA H2   H N N 8   
ALA HA   H N N 9   
ALA HB1  H N N 10  
ALA HB2  H N N 11  
ALA HB3  H N N 12  
ALA HXT  H N N 13  
ARG N    N N N 14  
ARG CA   C N S 15  
ARG C    C N N 16  
ARG O    O N N 17  
ARG CB   C N N 18  
ARG CG   C N N 19  
ARG CD   C N N 20  
ARG NE   N N N 21  
ARG CZ   C N N 22  
ARG NH1  N N N 23  
ARG NH2  N N N 24  
ARG OXT  O N N 25  
ARG H    H N N 26  
ARG H2   H N N 27  
ARG HA   H N N 28  
ARG HB2  H N N 29  
ARG HB3  H N N 30  
ARG HG2  H N N 31  
ARG HG3  H N N 32  
ARG HD2  H N N 33  
ARG HD3  H N N 34  
ARG HE   H N N 35  
ARG HH11 H N N 36  
ARG HH12 H N N 37  
ARG HH21 H N N 38  
ARG HH22 H N N 39  
ARG HXT  H N N 40  
ASN N    N N N 41  
ASN CA   C N S 42  
ASN C    C N N 43  
ASN O    O N N 44  
ASN CB   C N N 45  
ASN CG   C N N 46  
ASN OD1  O N N 47  
ASN ND2  N N N 48  
ASN OXT  O N N 49  
ASN H    H N N 50  
ASN H2   H N N 51  
ASN HA   H N N 52  
ASN HB2  H N N 53  
ASN HB3  H N N 54  
ASN HD21 H N N 55  
ASN HD22 H N N 56  
ASN HXT  H N N 57  
ASP N    N N N 58  
ASP CA   C N S 59  
ASP C    C N N 60  
ASP O    O N N 61  
ASP CB   C N N 62  
ASP CG   C N N 63  
ASP OD1  O N N 64  
ASP OD2  O N N 65  
ASP OXT  O N N 66  
ASP H    H N N 67  
ASP H2   H N N 68  
ASP HA   H N N 69  
ASP HB2  H N N 70  
ASP HB3  H N N 71  
ASP HD2  H N N 72  
ASP HXT  H N N 73  
GLN N    N N N 74  
GLN CA   C N S 75  
GLN C    C N N 76  
GLN O    O N N 77  
GLN CB   C N N 78  
GLN CG   C N N 79  
GLN CD   C N N 80  
GLN OE1  O N N 81  
GLN NE2  N N N 82  
GLN OXT  O N N 83  
GLN H    H N N 84  
GLN H2   H N N 85  
GLN HA   H N N 86  
GLN HB2  H N N 87  
GLN HB3  H N N 88  
GLN HG2  H N N 89  
GLN HG3  H N N 90  
GLN HE21 H N N 91  
GLN HE22 H N N 92  
GLN HXT  H N N 93  
GLU N    N N N 94  
GLU CA   C N S 95  
GLU C    C N N 96  
GLU O    O N N 97  
GLU CB   C N N 98  
GLU CG   C N N 99  
GLU CD   C N N 100 
GLU OE1  O N N 101 
GLU OE2  O N N 102 
GLU OXT  O N N 103 
GLU H    H N N 104 
GLU H2   H N N 105 
GLU HA   H N N 106 
GLU HB2  H N N 107 
GLU HB3  H N N 108 
GLU HG2  H N N 109 
GLU HG3  H N N 110 
GLU HE2  H N N 111 
GLU HXT  H N N 112 
GLY N    N N N 113 
GLY CA   C N N 114 
GLY C    C N N 115 
GLY O    O N N 116 
GLY OXT  O N N 117 
GLY H    H N N 118 
GLY H2   H N N 119 
GLY HA2  H N N 120 
GLY HA3  H N N 121 
GLY HXT  H N N 122 
HIS N    N N N 123 
HIS CA   C N S 124 
HIS C    C N N 125 
HIS O    O N N 126 
HIS CB   C N N 127 
HIS CG   C Y N 128 
HIS ND1  N Y N 129 
HIS CD2  C Y N 130 
HIS CE1  C Y N 131 
HIS NE2  N Y N 132 
HIS OXT  O N N 133 
HIS H    H N N 134 
HIS H2   H N N 135 
HIS HA   H N N 136 
HIS HB2  H N N 137 
HIS HB3  H N N 138 
HIS HD1  H N N 139 
HIS HD2  H N N 140 
HIS HE1  H N N 141 
HIS HE2  H N N 142 
HIS HXT  H N N 143 
HOH O    O N N 144 
HOH H1   H N N 145 
HOH H2   H N N 146 
ILE N    N N N 147 
ILE CA   C N S 148 
ILE C    C N N 149 
ILE O    O N N 150 
ILE CB   C N S 151 
ILE CG1  C N N 152 
ILE CG2  C N N 153 
ILE CD1  C N N 154 
ILE OXT  O N N 155 
ILE H    H N N 156 
ILE H2   H N N 157 
ILE HA   H N N 158 
ILE HB   H N N 159 
ILE HG12 H N N 160 
ILE HG13 H N N 161 
ILE HG21 H N N 162 
ILE HG22 H N N 163 
ILE HG23 H N N 164 
ILE HD11 H N N 165 
ILE HD12 H N N 166 
ILE HD13 H N N 167 
ILE HXT  H N N 168 
LEU N    N N N 169 
LEU CA   C N S 170 
LEU C    C N N 171 
LEU O    O N N 172 
LEU CB   C N N 173 
LEU CG   C N N 174 
LEU CD1  C N N 175 
LEU CD2  C N N 176 
LEU OXT  O N N 177 
LEU H    H N N 178 
LEU H2   H N N 179 
LEU HA   H N N 180 
LEU HB2  H N N 181 
LEU HB3  H N N 182 
LEU HG   H N N 183 
LEU HD11 H N N 184 
LEU HD12 H N N 185 
LEU HD13 H N N 186 
LEU HD21 H N N 187 
LEU HD22 H N N 188 
LEU HD23 H N N 189 
LEU HXT  H N N 190 
LYS N    N N N 191 
LYS CA   C N S 192 
LYS C    C N N 193 
LYS O    O N N 194 
LYS CB   C N N 195 
LYS CG   C N N 196 
LYS CD   C N N 197 
LYS CE   C N N 198 
LYS NZ   N N N 199 
LYS OXT  O N N 200 
LYS H    H N N 201 
LYS H2   H N N 202 
LYS HA   H N N 203 
LYS HB2  H N N 204 
LYS HB3  H N N 205 
LYS HG2  H N N 206 
LYS HG3  H N N 207 
LYS HD2  H N N 208 
LYS HD3  H N N 209 
LYS HE2  H N N 210 
LYS HE3  H N N 211 
LYS HZ1  H N N 212 
LYS HZ2  H N N 213 
LYS HZ3  H N N 214 
LYS HXT  H N N 215 
MET N    N N N 216 
MET CA   C N S 217 
MET C    C N N 218 
MET O    O N N 219 
MET CB   C N N 220 
MET CG   C N N 221 
MET SD   S N N 222 
MET CE   C N N 223 
MET OXT  O N N 224 
MET H    H N N 225 
MET H2   H N N 226 
MET HA   H N N 227 
MET HB2  H N N 228 
MET HB3  H N N 229 
MET HG2  H N N 230 
MET HG3  H N N 231 
MET HE1  H N N 232 
MET HE2  H N N 233 
MET HE3  H N N 234 
MET HXT  H N N 235 
PHE N    N N N 236 
PHE CA   C N S 237 
PHE C    C N N 238 
PHE O    O N N 239 
PHE CB   C N N 240 
PHE CG   C Y N 241 
PHE CD1  C Y N 242 
PHE CD2  C Y N 243 
PHE CE1  C Y N 244 
PHE CE2  C Y N 245 
PHE CZ   C Y N 246 
PHE OXT  O N N 247 
PHE H    H N N 248 
PHE H2   H N N 249 
PHE HA   H N N 250 
PHE HB2  H N N 251 
PHE HB3  H N N 252 
PHE HD1  H N N 253 
PHE HD2  H N N 254 
PHE HE1  H N N 255 
PHE HE2  H N N 256 
PHE HZ   H N N 257 
PHE HXT  H N N 258 
PRO N    N N N 259 
PRO CA   C N S 260 
PRO C    C N N 261 
PRO O    O N N 262 
PRO CB   C N N 263 
PRO CG   C N N 264 
PRO CD   C N N 265 
PRO OXT  O N N 266 
PRO H    H N N 267 
PRO HA   H N N 268 
PRO HB2  H N N 269 
PRO HB3  H N N 270 
PRO HG2  H N N 271 
PRO HG3  H N N 272 
PRO HD2  H N N 273 
PRO HD3  H N N 274 
PRO HXT  H N N 275 
SER N    N N N 276 
SER CA   C N S 277 
SER C    C N N 278 
SER O    O N N 279 
SER CB   C N N 280 
SER OG   O N N 281 
SER OXT  O N N 282 
SER H    H N N 283 
SER H2   H N N 284 
SER HA   H N N 285 
SER HB2  H N N 286 
SER HB3  H N N 287 
SER HG   H N N 288 
SER HXT  H N N 289 
THR N    N N N 290 
THR CA   C N S 291 
THR C    C N N 292 
THR O    O N N 293 
THR CB   C N R 294 
THR OG1  O N N 295 
THR CG2  C N N 296 
THR OXT  O N N 297 
THR H    H N N 298 
THR H2   H N N 299 
THR HA   H N N 300 
THR HB   H N N 301 
THR HG1  H N N 302 
THR HG21 H N N 303 
THR HG22 H N N 304 
THR HG23 H N N 305 
THR HXT  H N N 306 
TYR N    N N N 307 
TYR CA   C N S 308 
TYR C    C N N 309 
TYR O    O N N 310 
TYR CB   C N N 311 
TYR CG   C Y N 312 
TYR CD1  C Y N 313 
TYR CD2  C Y N 314 
TYR CE1  C Y N 315 
TYR CE2  C Y N 316 
TYR CZ   C Y N 317 
TYR OH   O N N 318 
TYR OXT  O N N 319 
TYR H    H N N 320 
TYR H2   H N N 321 
TYR HA   H N N 322 
TYR HB2  H N N 323 
TYR HB3  H N N 324 
TYR HD1  H N N 325 
TYR HD2  H N N 326 
TYR HE1  H N N 327 
TYR HE2  H N N 328 
TYR HH   H N N 329 
TYR HXT  H N N 330 
VAL N    N N N 331 
VAL CA   C N S 332 
VAL C    C N N 333 
VAL O    O N N 334 
VAL CB   C N N 335 
VAL CG1  C N N 336 
VAL CG2  C N N 337 
VAL OXT  O N N 338 
VAL H    H N N 339 
VAL H2   H N N 340 
VAL HA   H N N 341 
VAL HB   H N N 342 
VAL HG11 H N N 343 
VAL HG12 H N N 344 
VAL HG13 H N N 345 
VAL HG21 H N N 346 
VAL HG22 H N N 347 
VAL HG23 H N N 348 
VAL HXT  H N N 349 
# 
loop_
_chem_comp_bond.comp_id 
_chem_comp_bond.atom_id_1 
_chem_comp_bond.atom_id_2 
_chem_comp_bond.value_order 
_chem_comp_bond.pdbx_aromatic_flag 
_chem_comp_bond.pdbx_stereo_config 
_chem_comp_bond.pdbx_ordinal 
ALA N   CA   sing N N 1   
ALA N   H    sing N N 2   
ALA N   H2   sing N N 3   
ALA CA  C    sing N N 4   
ALA CA  CB   sing N N 5   
ALA CA  HA   sing N N 6   
ALA C   O    doub N N 7   
ALA C   OXT  sing N N 8   
ALA CB  HB1  sing N N 9   
ALA CB  HB2  sing N N 10  
ALA CB  HB3  sing N N 11  
ALA OXT HXT  sing N N 12  
ARG N   CA   sing N N 13  
ARG N   H    sing N N 14  
ARG N   H2   sing N N 15  
ARG CA  C    sing N N 16  
ARG CA  CB   sing N N 17  
ARG CA  HA   sing N N 18  
ARG C   O    doub N N 19  
ARG C   OXT  sing N N 20  
ARG CB  CG   sing N N 21  
ARG CB  HB2  sing N N 22  
ARG CB  HB3  sing N N 23  
ARG CG  CD   sing N N 24  
ARG CG  HG2  sing N N 25  
ARG CG  HG3  sing N N 26  
ARG CD  NE   sing N N 27  
ARG CD  HD2  sing N N 28  
ARG CD  HD3  sing N N 29  
ARG NE  CZ   sing N N 30  
ARG NE  HE   sing N N 31  
ARG CZ  NH1  sing N N 32  
ARG CZ  NH2  doub N N 33  
ARG NH1 HH11 sing N N 34  
ARG NH1 HH12 sing N N 35  
ARG NH2 HH21 sing N N 36  
ARG NH2 HH22 sing N N 37  
ARG OXT HXT  sing N N 38  
ASN N   CA   sing N N 39  
ASN N   H    sing N N 40  
ASN N   H2   sing N N 41  
ASN CA  C    sing N N 42  
ASN CA  CB   sing N N 43  
ASN CA  HA   sing N N 44  
ASN C   O    doub N N 45  
ASN C   OXT  sing N N 46  
ASN CB  CG   sing N N 47  
ASN CB  HB2  sing N N 48  
ASN CB  HB3  sing N N 49  
ASN CG  OD1  doub N N 50  
ASN CG  ND2  sing N N 51  
ASN ND2 HD21 sing N N 52  
ASN ND2 HD22 sing N N 53  
ASN OXT HXT  sing N N 54  
ASP N   CA   sing N N 55  
ASP N   H    sing N N 56  
ASP N   H2   sing N N 57  
ASP CA  C    sing N N 58  
ASP CA  CB   sing N N 59  
ASP CA  HA   sing N N 60  
ASP C   O    doub N N 61  
ASP C   OXT  sing N N 62  
ASP CB  CG   sing N N 63  
ASP CB  HB2  sing N N 64  
ASP CB  HB3  sing N N 65  
ASP CG  OD1  doub N N 66  
ASP CG  OD2  sing N N 67  
ASP OD2 HD2  sing N N 68  
ASP OXT HXT  sing N N 69  
GLN N   CA   sing N N 70  
GLN N   H    sing N N 71  
GLN N   H2   sing N N 72  
GLN CA  C    sing N N 73  
GLN CA  CB   sing N N 74  
GLN CA  HA   sing N N 75  
GLN C   O    doub N N 76  
GLN C   OXT  sing N N 77  
GLN CB  CG   sing N N 78  
GLN CB  HB2  sing N N 79  
GLN CB  HB3  sing N N 80  
GLN CG  CD   sing N N 81  
GLN CG  HG2  sing N N 82  
GLN CG  HG3  sing N N 83  
GLN CD  OE1  doub N N 84  
GLN CD  NE2  sing N N 85  
GLN NE2 HE21 sing N N 86  
GLN NE2 HE22 sing N N 87  
GLN OXT HXT  sing N N 88  
GLU N   CA   sing N N 89  
GLU N   H    sing N N 90  
GLU N   H2   sing N N 91  
GLU CA  C    sing N N 92  
GLU CA  CB   sing N N 93  
GLU CA  HA   sing N N 94  
GLU C   O    doub N N 95  
GLU C   OXT  sing N N 96  
GLU CB  CG   sing N N 97  
GLU CB  HB2  sing N N 98  
GLU CB  HB3  sing N N 99  
GLU CG  CD   sing N N 100 
GLU CG  HG2  sing N N 101 
GLU CG  HG3  sing N N 102 
GLU CD  OE1  doub N N 103 
GLU CD  OE2  sing N N 104 
GLU OE2 HE2  sing N N 105 
GLU OXT HXT  sing N N 106 
GLY N   CA   sing N N 107 
GLY N   H    sing N N 108 
GLY N   H2   sing N N 109 
GLY CA  C    sing N N 110 
GLY CA  HA2  sing N N 111 
GLY CA  HA3  sing N N 112 
GLY C   O    doub N N 113 
GLY C   OXT  sing N N 114 
GLY OXT HXT  sing N N 115 
HIS N   CA   sing N N 116 
HIS N   H    sing N N 117 
HIS N   H2   sing N N 118 
HIS CA  C    sing N N 119 
HIS CA  CB   sing N N 120 
HIS CA  HA   sing N N 121 
HIS C   O    doub N N 122 
HIS C   OXT  sing N N 123 
HIS CB  CG   sing N N 124 
HIS CB  HB2  sing N N 125 
HIS CB  HB3  sing N N 126 
HIS CG  ND1  sing Y N 127 
HIS CG  CD2  doub Y N 128 
HIS ND1 CE1  doub Y N 129 
HIS ND1 HD1  sing N N 130 
HIS CD2 NE2  sing Y N 131 
HIS CD2 HD2  sing N N 132 
HIS CE1 NE2  sing Y N 133 
HIS CE1 HE1  sing N N 134 
HIS NE2 HE2  sing N N 135 
HIS OXT HXT  sing N N 136 
HOH O   H1   sing N N 137 
HOH O   H2   sing N N 138 
ILE N   CA   sing N N 139 
ILE N   H    sing N N 140 
ILE N   H2   sing N N 141 
ILE CA  C    sing N N 142 
ILE CA  CB   sing N N 143 
ILE CA  HA   sing N N 144 
ILE C   O    doub N N 145 
ILE C   OXT  sing N N 146 
ILE CB  CG1  sing N N 147 
ILE CB  CG2  sing N N 148 
ILE CB  HB   sing N N 149 
ILE CG1 CD1  sing N N 150 
ILE CG1 HG12 sing N N 151 
ILE CG1 HG13 sing N N 152 
ILE CG2 HG21 sing N N 153 
ILE CG2 HG22 sing N N 154 
ILE CG2 HG23 sing N N 155 
ILE CD1 HD11 sing N N 156 
ILE CD1 HD12 sing N N 157 
ILE CD1 HD13 sing N N 158 
ILE OXT HXT  sing N N 159 
LEU N   CA   sing N N 160 
LEU N   H    sing N N 161 
LEU N   H2   sing N N 162 
LEU CA  C    sing N N 163 
LEU CA  CB   sing N N 164 
LEU CA  HA   sing N N 165 
LEU C   O    doub N N 166 
LEU C   OXT  sing N N 167 
LEU CB  CG   sing N N 168 
LEU CB  HB2  sing N N 169 
LEU CB  HB3  sing N N 170 
LEU CG  CD1  sing N N 171 
LEU CG  CD2  sing N N 172 
LEU CG  HG   sing N N 173 
LEU CD1 HD11 sing N N 174 
LEU CD1 HD12 sing N N 175 
LEU CD1 HD13 sing N N 176 
LEU CD2 HD21 sing N N 177 
LEU CD2 HD22 sing N N 178 
LEU CD2 HD23 sing N N 179 
LEU OXT HXT  sing N N 180 
LYS N   CA   sing N N 181 
LYS N   H    sing N N 182 
LYS N   H2   sing N N 183 
LYS CA  C    sing N N 184 
LYS CA  CB   sing N N 185 
LYS CA  HA   sing N N 186 
LYS C   O    doub N N 187 
LYS C   OXT  sing N N 188 
LYS CB  CG   sing N N 189 
LYS CB  HB2  sing N N 190 
LYS CB  HB3  sing N N 191 
LYS CG  CD   sing N N 192 
LYS CG  HG2  sing N N 193 
LYS CG  HG3  sing N N 194 
LYS CD  CE   sing N N 195 
LYS CD  HD2  sing N N 196 
LYS CD  HD3  sing N N 197 
LYS CE  NZ   sing N N 198 
LYS CE  HE2  sing N N 199 
LYS CE  HE3  sing N N 200 
LYS NZ  HZ1  sing N N 201 
LYS NZ  HZ2  sing N N 202 
LYS NZ  HZ3  sing N N 203 
LYS OXT HXT  sing N N 204 
MET N   CA   sing N N 205 
MET N   H    sing N N 206 
MET N   H2   sing N N 207 
MET CA  C    sing N N 208 
MET CA  CB   sing N N 209 
MET CA  HA   sing N N 210 
MET C   O    doub N N 211 
MET C   OXT  sing N N 212 
MET CB  CG   sing N N 213 
MET CB  HB2  sing N N 214 
MET CB  HB3  sing N N 215 
MET CG  SD   sing N N 216 
MET CG  HG2  sing N N 217 
MET CG  HG3  sing N N 218 
MET SD  CE   sing N N 219 
MET CE  HE1  sing N N 220 
MET CE  HE2  sing N N 221 
MET CE  HE3  sing N N 222 
MET OXT HXT  sing N N 223 
PHE N   CA   sing N N 224 
PHE N   H    sing N N 225 
PHE N   H2   sing N N 226 
PHE CA  C    sing N N 227 
PHE CA  CB   sing N N 228 
PHE CA  HA   sing N N 229 
PHE C   O    doub N N 230 
PHE C   OXT  sing N N 231 
PHE CB  CG   sing N N 232 
PHE CB  HB2  sing N N 233 
PHE CB  HB3  sing N N 234 
PHE CG  CD1  doub Y N 235 
PHE CG  CD2  sing Y N 236 
PHE CD1 CE1  sing Y N 237 
PHE CD1 HD1  sing N N 238 
PHE CD2 CE2  doub Y N 239 
PHE CD2 HD2  sing N N 240 
PHE CE1 CZ   doub Y N 241 
PHE CE1 HE1  sing N N 242 
PHE CE2 CZ   sing Y N 243 
PHE CE2 HE2  sing N N 244 
PHE CZ  HZ   sing N N 245 
PHE OXT HXT  sing N N 246 
PRO N   CA   sing N N 247 
PRO N   CD   sing N N 248 
PRO N   H    sing N N 249 
PRO CA  C    sing N N 250 
PRO CA  CB   sing N N 251 
PRO CA  HA   sing N N 252 
PRO C   O    doub N N 253 
PRO C   OXT  sing N N 254 
PRO CB  CG   sing N N 255 
PRO CB  HB2  sing N N 256 
PRO CB  HB3  sing N N 257 
PRO CG  CD   sing N N 258 
PRO CG  HG2  sing N N 259 
PRO CG  HG3  sing N N 260 
PRO CD  HD2  sing N N 261 
PRO CD  HD3  sing N N 262 
PRO OXT HXT  sing N N 263 
SER N   CA   sing N N 264 
SER N   H    sing N N 265 
SER N   H2   sing N N 266 
SER CA  C    sing N N 267 
SER CA  CB   sing N N 268 
SER CA  HA   sing N N 269 
SER C   O    doub N N 270 
SER C   OXT  sing N N 271 
SER CB  OG   sing N N 272 
SER CB  HB2  sing N N 273 
SER CB  HB3  sing N N 274 
SER OG  HG   sing N N 275 
SER OXT HXT  sing N N 276 
THR N   CA   sing N N 277 
THR N   H    sing N N 278 
THR N   H2   sing N N 279 
THR CA  C    sing N N 280 
THR CA  CB   sing N N 281 
THR CA  HA   sing N N 282 
THR C   O    doub N N 283 
THR C   OXT  sing N N 284 
THR CB  OG1  sing N N 285 
THR CB  CG2  sing N N 286 
THR CB  HB   sing N N 287 
THR OG1 HG1  sing N N 288 
THR CG2 HG21 sing N N 289 
THR CG2 HG22 sing N N 290 
THR CG2 HG23 sing N N 291 
THR OXT HXT  sing N N 292 
TYR N   CA   sing N N 293 
TYR N   H    sing N N 294 
TYR N   H2   sing N N 295 
TYR CA  C    sing N N 296 
TYR CA  CB   sing N N 297 
TYR CA  HA   sing N N 298 
TYR C   O    doub N N 299 
TYR C   OXT  sing N N 300 
TYR CB  CG   sing N N 301 
TYR CB  HB2  sing N N 302 
TYR CB  HB3  sing N N 303 
TYR CG  CD1  doub Y N 304 
TYR CG  CD2  sing Y N 305 
TYR CD1 CE1  sing Y N 306 
TYR CD1 HD1  sing N N 307 
TYR CD2 CE2  doub Y N 308 
TYR CD2 HD2  sing N N 309 
TYR CE1 CZ   doub Y N 310 
TYR CE1 HE1  sing N N 311 
TYR CE2 CZ   sing Y N 312 
TYR CE2 HE2  sing N N 313 
TYR CZ  OH   sing N N 314 
TYR OH  HH   sing N N 315 
TYR OXT HXT  sing N N 316 
VAL N   CA   sing N N 317 
VAL N   H    sing N N 318 
VAL N   H2   sing N N 319 
VAL CA  C    sing N N 320 
VAL CA  CB   sing N N 321 
VAL CA  HA   sing N N 322 
VAL C   O    doub N N 323 
VAL C   OXT  sing N N 324 
VAL CB  CG1  sing N N 325 
VAL CB  CG2  sing N N 326 
VAL CB  HB   sing N N 327 
VAL CG1 HG11 sing N N 328 
VAL CG1 HG12 sing N N 329 
VAL CG1 HG13 sing N N 330 
VAL CG2 HG21 sing N N 331 
VAL CG2 HG22 sing N N 332 
VAL CG2 HG23 sing N N 333 
VAL OXT HXT  sing N N 334 
# 
_atom_sites.entry_id                    1UB9 
_atom_sites.fract_transf_matrix[1][1]   -0.00404385 
_atom_sites.fract_transf_matrix[1][2]   -0.01940506 
_atom_sites.fract_transf_matrix[1][3]   0.00987157 
_atom_sites.fract_transf_matrix[2][1]   0.00766075 
_atom_sites.fract_transf_matrix[2][2]   0.00813008 
_atom_sites.fract_transf_matrix[2][3]   0.01911992 
_atom_sites.fract_transf_matrix[3][1]   -0.00956937 
_atom_sites.fract_transf_matrix[3][2]   0.00324312 
_atom_sites.fract_transf_matrix[3][3]   0.00245512 
_atom_sites.fract_transf_vector[1]      1.004765 
_atom_sites.fract_transf_vector[2]      0.677652 
_atom_sites.fract_transf_vector[3]      -0.041861 
# 
loop_
_atom_type.symbol 
C 
N 
O 
S 
# 
loop_
_atom_site.group_PDB 
_atom_site.id 
_atom_site.type_symbol 
_atom_site.label_atom_id 
_atom_site.label_alt_id 
_atom_site.label_comp_id 
_atom_site.label_asym_id 
_atom_site.label_entity_id 
_atom_site.label_seq_id 
_atom_site.pdbx_PDB_ins_code 
_atom_site.Cartn_x 
_atom_site.Cartn_y 
_atom_site.Cartn_z 
_atom_site.occupancy 
_atom_site.B_iso_or_equiv 
_atom_site.pdbx_formal_charge 
_atom_site.auth_seq_id 
_atom_site.auth_comp_id 
_atom_site.auth_asym_id 
_atom_site.auth_atom_id 
_atom_site.pdbx_PDB_model_num 
ATOM   1   N N   . MET A 1 1   ? -13.159 22.237  1.487   1.00 40.87 ? 1   MET A N   1 
ATOM   2   C CA  . MET A 1 1   ? -12.928 21.667  2.840   1.00 40.78 ? 1   MET A CA  1 
ATOM   3   C C   . MET A 1 1   ? -13.432 20.231  2.986   1.00 41.30 ? 1   MET A C   1 
ATOM   4   O O   . MET A 1 1   ? -12.916 19.466  3.799   1.00 38.95 ? 1   MET A O   1 
ATOM   5   C CB  . MET A 1 1   ? -13.589 22.553  3.903   1.00 40.87 ? 1   MET A CB  1 
ATOM   6   C CG  . MET A 1 1   ? -12.844 23.854  4.198   1.00 40.57 ? 1   MET A CG  1 
ATOM   7   S SD  . MET A 1 1   ? -11.174 23.598  4.878   1.00 29.77 ? 1   MET A SD  1 
ATOM   8   C CE  . MET A 1 1   ? -11.372 22.028  5.627   1.00 40.49 ? 1   MET A CE  1 
ATOM   9   N N   . GLU A 1 2   ? -14.439 19.863  2.201   1.00 42.46 ? 2   GLU A N   1 
ATOM   10  C CA  . GLU A 1 2   ? -14.992 18.512  2.277   1.00 42.19 ? 2   GLU A CA  1 
ATOM   11  C C   . GLU A 1 2   ? -14.039 17.425  1.763   1.00 40.73 ? 2   GLU A C   1 
ATOM   12  O O   . GLU A 1 2   ? -13.974 16.334  2.327   1.00 38.49 ? 2   GLU A O   1 
ATOM   13  C CB  . GLU A 1 2   ? -16.328 18.446  1.523   1.00 45.09 ? 2   GLU A CB  1 
ATOM   14  C CG  . GLU A 1 2   ? -16.974 17.065  1.512   1.00 47.66 ? 2   GLU A CG  1 
ATOM   15  C CD  . GLU A 1 2   ? -18.409 17.101  1.006   1.00 49.89 ? 2   GLU A CD  1 
ATOM   16  O OE1 . GLU A 1 2   ? -18.671 17.801  0.006   1.00 49.97 ? 2   GLU A OE1 1 
ATOM   17  O OE2 . GLU A 1 2   ? -19.272 16.425  1.606   1.00 51.10 ? 2   GLU A OE2 1 
ATOM   18  N N   . GLU A 1 3   ? -13.295 17.711  0.698   1.00 40.45 ? 3   GLU A N   1 
ATOM   19  C CA  . GLU A 1 3   ? -12.366 16.716  0.167   1.00 39.93 ? 3   GLU A CA  1 
ATOM   20  C C   . GLU A 1 3   ? -11.114 16.617  1.046   1.00 37.67 ? 3   GLU A C   1 
ATOM   21  O O   . GLU A 1 3   ? -10.497 15.558  1.152   1.00 36.91 ? 3   GLU A O   1 
ATOM   22  C CB  . GLU A 1 3   ? -11.968 17.064  -1.270  1.00 44.24 ? 3   GLU A CB  1 
ATOM   23  C CG  . GLU A 1 3   ? -13.152 17.344  -2.180  1.00 49.50 ? 3   GLU A CG  1 
ATOM   24  C CD  . GLU A 1 3   ? -13.475 18.822  -2.264  1.00 53.19 ? 3   GLU A CD  1 
ATOM   25  O OE1 . GLU A 1 3   ? -12.760 19.536  -3.000  1.00 55.05 ? 3   GLU A OE1 1 
ATOM   26  O OE2 . GLU A 1 3   ? -14.428 19.271  -1.590  1.00 53.76 ? 3   GLU A OE2 1 
ATOM   27  N N   . LEU A 1 4   ? -10.747 17.720  1.684   1.00 34.89 ? 4   LEU A N   1 
ATOM   28  C CA  . LEU A 1 4   ? -9.576  17.716  2.547   1.00 34.68 ? 4   LEU A CA  1 
ATOM   29  C C   . LEU A 1 4   ? -9.800  16.751  3.710   1.00 33.20 ? 4   LEU A C   1 
ATOM   30  O O   . LEU A 1 4   ? -8.928  15.951  4.033   1.00 32.11 ? 4   LEU A O   1 
ATOM   31  C CB  . LEU A 1 4   ? -9.293  19.125  3.071   1.00 35.47 ? 4   LEU A CB  1 
ATOM   32  C CG  . LEU A 1 4   ? -8.031  19.284  3.921   1.00 33.33 ? 4   LEU A CG  1 
ATOM   33  C CD1 . LEU A 1 4   ? -6.822  18.737  3.162   1.00 34.51 ? 4   LEU A CD1 1 
ATOM   34  C CD2 . LEU A 1 4   ? -7.833  20.754  4.265   1.00 34.57 ? 4   LEU A CD2 1 
ATOM   35  N N   . LYS A 1 5   ? -10.978 16.824  4.326   1.00 32.86 ? 5   LYS A N   1 
ATOM   36  C CA  . LYS A 1 5   ? -11.316 15.942  5.437   1.00 34.32 ? 5   LYS A CA  1 
ATOM   37  C C   . LYS A 1 5   ? -11.315 14.475  5.005   1.00 35.66 ? 5   LYS A C   1 
ATOM   38  O O   . LYS A 1 5   ? -10.972 13.585  5.790   1.00 34.39 ? 5   LYS A O   1 
ATOM   39  C CB  . LYS A 1 5   ? -12.687 16.309  6.019   1.00 35.40 ? 5   LYS A CB  1 
ATOM   40  C CG  . LYS A 1 5   ? -12.694 17.611  6.816   1.00 37.02 ? 5   LYS A CG  1 
ATOM   41  C CD  . LYS A 1 5   ? -14.040 17.871  7.499   1.00 40.64 ? 5   LYS A CD  1 
ATOM   42  C CE  . LYS A 1 5   ? -15.163 18.091  6.490   1.00 42.30 ? 5   LYS A CE  1 
ATOM   43  N NZ  . LYS A 1 5   ? -16.456 18.433  7.162   1.00 42.87 ? 5   LYS A NZ  1 
ATOM   44  N N   . GLU A 1 6   ? -11.701 14.225  3.759   1.00 35.60 ? 6   GLU A N   1 
ATOM   45  C CA  . GLU A 1 6   ? -11.736 12.859  3.244   1.00 37.84 ? 6   GLU A CA  1 
ATOM   46  C C   . GLU A 1 6   ? -10.333 12.264  3.275   1.00 35.83 ? 6   GLU A C   1 
ATOM   47  O O   . GLU A 1 6   ? -10.129 11.132  3.717   1.00 35.12 ? 6   GLU A O   1 
ATOM   48  C CB  . GLU A 1 6   ? -12.264 12.847  1.808   1.00 42.56 ? 6   GLU A CB  1 
ATOM   49  C CG  . GLU A 1 6   ? -12.768 11.491  1.352   1.00 48.06 ? 6   GLU A CG  1 
ATOM   50  C CD  . GLU A 1 6   ? -13.203 11.493  -0.103  1.00 51.95 ? 6   GLU A CD  1 
ATOM   51  O OE1 . GLU A 1 6   ? -13.612 12.568  -0.599  1.00 52.74 ? 6   GLU A OE1 1 
ATOM   52  O OE2 . GLU A 1 6   ? -13.147 10.418  -0.746  1.00 53.52 ? 6   GLU A OE2 1 
ATOM   53  N N   . ILE A 1 7   ? -9.363  13.039  2.806   1.00 34.56 ? 7   ILE A N   1 
ATOM   54  C CA  . ILE A 1 7   ? -7.978  12.588  2.788   1.00 34.52 ? 7   ILE A CA  1 
ATOM   55  C C   . ILE A 1 7   ? -7.430  12.443  4.211   1.00 34.51 ? 7   ILE A C   1 
ATOM   56  O O   . ILE A 1 7   ? -6.754  11.461  4.528   1.00 33.87 ? 7   ILE A O   1 
ATOM   57  C CB  . ILE A 1 7   ? -7.110  13.578  1.987   1.00 37.01 ? 7   ILE A CB  1 
ATOM   58  C CG1 . ILE A 1 7   ? -7.444  13.452  0.496   1.00 35.64 ? 7   ILE A CG1 1 
ATOM   59  C CG2 . ILE A 1 7   ? -5.644  13.332  2.258   1.00 37.57 ? 7   ILE A CG2 1 
ATOM   60  C CD1 . ILE A 1 7   ? -6.775  14.488  -0.366  1.00 41.93 ? 7   ILE A CD1 1 
ATOM   61  N N   . MET A 1 8   ? -7.740  13.413  5.065   1.00 32.92 ? 8   MET A N   1 
ATOM   62  C CA  . MET A 1 8   ? -7.279  13.405  6.450   1.00 33.06 ? 8   MET A CA  1 
ATOM   63  C C   . MET A 1 8   ? -7.757  12.195  7.261   1.00 34.46 ? 8   MET A C   1 
ATOM   64  O O   . MET A 1 8   ? -7.088  11.772  8.209   1.00 33.18 ? 8   MET A O   1 
ATOM   65  C CB  . MET A 1 8   ? -7.718  14.697  7.159   1.00 28.50 ? 8   MET A CB  1 
ATOM   66  C CG  . MET A 1 8   ? -6.989  15.952  6.692   1.00 29.85 ? 8   MET A CG  1 
ATOM   67  S SD  . MET A 1 8   ? -7.576  17.488  7.462   1.00 15.17 ? 8   MET A SD  1 
ATOM   68  C CE  . MET A 1 8   ? -7.111  17.198  9.127   1.00 22.74 ? 8   MET A CE  1 
ATOM   69  N N   . LYS A 1 9   ? -8.911  11.643  6.893   1.00 35.12 ? 9   LYS A N   1 
ATOM   70  C CA  . LYS A 1 9   ? -9.465  10.498  7.607   1.00 36.53 ? 9   LYS A CA  1 
ATOM   71  C C   . LYS A 1 9   ? -8.981  9.138   7.103   1.00 35.11 ? 9   LYS A C   1 
ATOM   72  O O   . LYS A 1 9   ? -9.354  8.105   7.655   1.00 34.81 ? 9   LYS A O   1 
ATOM   73  C CB  . LYS A 1 9   ? -11.001 10.548  7.571   1.00 40.04 ? 9   LYS A CB  1 
ATOM   74  C CG  . LYS A 1 9   ? -11.609 11.564  8.537   1.00 45.41 ? 9   LYS A CG  1 
ATOM   75  C CD  . LYS A 1 9   ? -13.128 11.699  8.358   1.00 49.40 ? 9   LYS A CD  1 
ATOM   76  C CE  . LYS A 1 9   ? -13.880 10.436  8.770   1.00 51.64 ? 9   LYS A CE  1 
ATOM   77  N NZ  . LYS A 1 9   ? -13.793 10.182  10.240  1.00 52.63 ? 9   LYS A NZ  1 
ATOM   78  N N   . SER A 1 10  ? -8.152  9.131   6.065   1.00 33.47 ? 10  SER A N   1 
ATOM   79  C CA  . SER A 1 10  ? -7.632  7.872   5.534   1.00 33.70 ? 10  SER A CA  1 
ATOM   80  C C   . SER A 1 10  ? -6.399  7.465   6.327   1.00 33.27 ? 10  SER A C   1 
ATOM   81  O O   . SER A 1 10  ? -5.271  7.567   5.833   1.00 32.86 ? 10  SER A O   1 
ATOM   82  C CB  . SER A 1 10  ? -7.260  8.026   4.059   1.00 33.54 ? 10  SER A CB  1 
ATOM   83  O OG  . SER A 1 10  ? -8.341  8.562   3.319   1.00 35.14 ? 10  SER A OG  1 
ATOM   84  N N   . HIS A 1 11  ? -6.613  6.996   7.553   1.00 33.87 ? 11  HIS A N   1 
ATOM   85  C CA  . HIS A 1 11  ? -5.512  6.596   8.420   1.00 34.87 ? 11  HIS A CA  1 
ATOM   86  C C   . HIS A 1 11  ? -4.770  5.350   7.945   1.00 33.65 ? 11  HIS A C   1 
ATOM   87  O O   . HIS A 1 11  ? -3.595  5.167   8.269   1.00 32.65 ? 11  HIS A O   1 
ATOM   88  C CB  . HIS A 1 11  ? -6.004  6.386   9.860   1.00 37.04 ? 11  HIS A CB  1 
ATOM   89  C CG  . HIS A 1 11  ? -7.032  5.305   10.004  1.00 41.94 ? 11  HIS A CG  1 
ATOM   90  N ND1 . HIS A 1 11  ? -8.319  5.431   9.529   1.00 43.93 ? 11  HIS A ND1 1 
ATOM   91  C CD2 . HIS A 1 11  ? -6.961  4.083   10.587  1.00 43.13 ? 11  HIS A CD2 1 
ATOM   92  C CE1 . HIS A 1 11  ? -9.000  4.333   9.812   1.00 45.56 ? 11  HIS A CE1 1 
ATOM   93  N NE2 . HIS A 1 11  ? -8.199  3.500   10.453  1.00 44.73 ? 11  HIS A NE2 1 
ATOM   94  N N   . ILE A 1 12  ? -5.440  4.493   7.184   1.00 30.32 ? 12  ILE A N   1 
ATOM   95  C CA  . ILE A 1 12  ? -4.788  3.282   6.683   1.00 31.56 ? 12  ILE A CA  1 
ATOM   96  C C   . ILE A 1 12  ? -3.942  3.590   5.443   1.00 31.04 ? 12  ILE A C   1 
ATOM   97  O O   . ILE A 1 12  ? -2.723  3.427   5.457   1.00 29.73 ? 12  ILE A O   1 
ATOM   98  C CB  . ILE A 1 12  ? -5.827  2.181   6.321   1.00 31.37 ? 12  ILE A CB  1 
ATOM   99  C CG1 . ILE A 1 12  ? -6.732  1.902   7.523   1.00 32.30 ? 12  ILE A CG1 1 
ATOM   100 C CG2 . ILE A 1 12  ? -5.108  0.885   5.930   1.00 32.18 ? 12  ILE A CG2 1 
ATOM   101 C CD1 . ILE A 1 12  ? -5.997  1.376   8.747   1.00 31.43 ? 12  ILE A CD1 1 
ATOM   102 N N   . LEU A 1 13  ? -4.595  4.051   4.377   1.00 32.37 ? 13  LEU A N   1 
ATOM   103 C CA  . LEU A 1 13  ? -3.898  4.365   3.133   1.00 34.27 ? 13  LEU A CA  1 
ATOM   104 C C   . LEU A 1 13  ? -3.096  5.660   3.189   1.00 34.22 ? 13  LEU A C   1 
ATOM   105 O O   . LEU A 1 13  ? -2.153  5.840   2.417   1.00 35.54 ? 13  LEU A O   1 
ATOM   106 C CB  . LEU A 1 13  ? -4.892  4.453   1.973   1.00 36.39 ? 13  LEU A CB  1 
ATOM   107 C CG  . LEU A 1 13  ? -5.532  3.148   1.493   1.00 38.46 ? 13  LEU A CG  1 
ATOM   108 C CD1 . LEU A 1 13  ? -6.606  3.451   0.454   1.00 38.53 ? 13  LEU A CD1 1 
ATOM   109 C CD2 . LEU A 1 13  ? -4.456  2.249   0.906   1.00 39.20 ? 13  LEU A CD2 1 
ATOM   110 N N   . GLY A 1 14  ? -3.468  6.551   4.105   1.00 33.19 ? 14  GLY A N   1 
ATOM   111 C CA  . GLY A 1 14  ? -2.785  7.827   4.236   1.00 34.22 ? 14  GLY A CA  1 
ATOM   112 C C   . GLY A 1 14  ? -1.367  7.764   4.775   1.00 33.24 ? 14  GLY A C   1 
ATOM   113 O O   . GLY A 1 14  ? -0.530  8.596   4.411   1.00 33.66 ? 14  GLY A O   1 
ATOM   114 N N   . ASN A 1 15  ? -1.101  6.801   5.656   1.00 31.28 ? 15  ASN A N   1 
ATOM   115 C CA  . ASN A 1 15  ? 0.226   6.618   6.239   1.00 29.37 ? 15  ASN A CA  1 
ATOM   116 C C   . ASN A 1 15  ? 1.216   6.566   5.072   1.00 29.59 ? 15  ASN A C   1 
ATOM   117 O O   . ASN A 1 15  ? 1.019   5.819   4.114   1.00 27.68 ? 15  ASN A O   1 
ATOM   118 C CB  . ASN A 1 15  ? 0.251   5.320   7.066   1.00 28.00 ? 15  ASN A CB  1 
ATOM   119 C CG  . ASN A 1 15  ? 1.630   4.997   7.636   1.00 31.80 ? 15  ASN A CG  1 
ATOM   120 O OD1 . ASN A 1 15  ? 2.465   4.386   6.967   1.00 28.86 ? 15  ASN A OD1 1 
ATOM   121 N ND2 . ASN A 1 15  ? 1.870   5.404   8.878   1.00 30.49 ? 15  ASN A ND2 1 
ATOM   122 N N   . PRO A 1 16  ? 2.282   7.379   5.137   1.00 31.23 ? 16  PRO A N   1 
ATOM   123 C CA  . PRO A 1 16  ? 3.302   7.443   4.084   1.00 32.48 ? 16  PRO A CA  1 
ATOM   124 C C   . PRO A 1 16  ? 3.957   6.120   3.706   1.00 32.25 ? 16  PRO A C   1 
ATOM   125 O O   . PRO A 1 16  ? 4.244   5.887   2.532   1.00 31.00 ? 16  PRO A O   1 
ATOM   126 C CB  . PRO A 1 16  ? 4.296   8.476   4.621   1.00 31.72 ? 16  PRO A CB  1 
ATOM   127 C CG  . PRO A 1 16  ? 4.150   8.347   6.105   1.00 34.80 ? 16  PRO A CG  1 
ATOM   128 C CD  . PRO A 1 16  ? 2.659   8.231   6.280   1.00 30.60 ? 16  PRO A CD  1 
ATOM   129 N N   . VAL A 1 17  ? 4.187   5.254   4.687   1.00 30.62 ? 17  VAL A N   1 
ATOM   130 C CA  . VAL A 1 17  ? 4.800   3.966   4.390   1.00 30.57 ? 17  VAL A CA  1 
ATOM   131 C C   . VAL A 1 17  ? 3.819   3.051   3.651   1.00 29.56 ? 17  VAL A C   1 
ATOM   132 O O   . VAL A 1 17  ? 4.154   2.486   2.608   1.00 29.44 ? 17  VAL A O   1 
ATOM   133 C CB  . VAL A 1 17  ? 5.300   3.265   5.673   1.00 30.27 ? 17  VAL A CB  1 
ATOM   134 C CG1 . VAL A 1 17  ? 5.906   1.912   5.330   1.00 28.70 ? 17  VAL A CG1 1 
ATOM   135 C CG2 . VAL A 1 17  ? 6.353   4.134   6.361   1.00 34.93 ? 17  VAL A CG2 1 
ATOM   136 N N   . ARG A 1 18  ? 2.606   2.917   4.182   1.00 27.41 ? 18  ARG A N   1 
ATOM   137 C CA  . ARG A 1 18  ? 1.591   2.067   3.561   1.00 26.70 ? 18  ARG A CA  1 
ATOM   138 C C   . ARG A 1 18  ? 1.256   2.541   2.158   1.00 27.02 ? 18  ARG A C   1 
ATOM   139 O O   . ARG A 1 18  ? 1.087   1.729   1.248   1.00 27.76 ? 18  ARG A O   1 
ATOM   140 C CB  . ARG A 1 18  ? 0.318   2.041   4.411   1.00 26.16 ? 18  ARG A CB  1 
ATOM   141 C CG  . ARG A 1 18  ? 0.459   1.232   5.688   1.00 29.87 ? 18  ARG A CG  1 
ATOM   142 C CD  . ARG A 1 18  ? -0.613  1.611   6.704   1.00 34.41 ? 18  ARG A CD  1 
ATOM   143 N NE  . ARG A 1 18  ? -0.095  1.393   8.049   1.00 40.38 ? 18  ARG A NE  1 
ATOM   144 C CZ  . ARG A 1 18  ? -0.477  2.057   9.127   1.00 35.39 ? 18  ARG A CZ  1 
ATOM   145 N NH1 . ARG A 1 18  ? -1.402  3.013   9.046   1.00 35.56 ? 18  ARG A NH1 1 
ATOM   146 N NH2 . ARG A 1 18  ? 0.079   1.761   10.289  1.00 42.62 ? 18  ARG A NH2 1 
ATOM   147 N N   . LEU A 1 19  ? 1.161   3.860   1.995   1.00 26.83 ? 19  LEU A N   1 
ATOM   148 C CA  . LEU A 1 19  ? 0.857   4.456   0.705   1.00 27.03 ? 19  LEU A CA  1 
ATOM   149 C C   . LEU A 1 19  ? 1.927   4.072   -0.304  1.00 26.83 ? 19  LEU A C   1 
ATOM   150 O O   . LEU A 1 19  ? 1.615   3.716   -1.447  1.00 23.99 ? 19  LEU A O   1 
ATOM   151 C CB  . LEU A 1 19  ? 0.792   5.978   0.823   1.00 27.87 ? 19  LEU A CB  1 
ATOM   152 C CG  . LEU A 1 19  ? 0.490   6.742   -0.471  1.00 27.99 ? 19  LEU A CG  1 
ATOM   153 C CD1 . LEU A 1 19  ? -0.829  6.264   -1.063  1.00 26.28 ? 19  LEU A CD1 1 
ATOM   154 C CD2 . LEU A 1 19  ? 0.435   8.235   -0.168  1.00 29.34 ? 19  LEU A CD2 1 
ATOM   155 N N   . GLY A 1 20  ? 3.186   4.156   0.125   1.00 26.66 ? 20  GLY A N   1 
ATOM   156 C CA  . GLY A 1 20  ? 4.299   3.801   -0.743  1.00 26.69 ? 20  GLY A CA  1 
ATOM   157 C C   . GLY A 1 20  ? 4.257   2.333   -1.132  1.00 26.20 ? 20  GLY A C   1 
ATOM   158 O O   . GLY A 1 20  ? 4.549   1.972   -2.272  1.00 26.48 ? 20  GLY A O   1 
ATOM   159 N N   . ILE A 1 21  ? 3.905   1.476   -0.178  1.00 27.45 ? 21  ILE A N   1 
ATOM   160 C CA  . ILE A 1 21  ? 3.801   0.042   -0.444  1.00 25.01 ? 21  ILE A CA  1 
ATOM   161 C C   . ILE A 1 21  ? 2.702   -0.225  -1.470  1.00 27.15 ? 21  ILE A C   1 
ATOM   162 O O   . ILE A 1 21  ? 2.851   -1.086  -2.346  1.00 26.98 ? 21  ILE A O   1 
ATOM   163 C CB  . ILE A 1 21  ? 3.451   -0.737  0.832   1.00 26.98 ? 21  ILE A CB  1 
ATOM   164 C CG1 . ILE A 1 21  ? 4.633   -0.721  1.802   1.00 27.28 ? 21  ILE A CG1 1 
ATOM   165 C CG2 . ILE A 1 21  ? 3.037   -2.166  0.479   1.00 27.47 ? 21  ILE A CG2 1 
ATOM   166 C CD1 . ILE A 1 21  ? 4.277   -1.267  3.178   1.00 27.75 ? 21  ILE A CD1 1 
ATOM   167 N N   . MET A 1 22  ? 1.589   0.498   -1.351  1.00 24.65 ? 22  MET A N   1 
ATOM   168 C CA  . MET A 1 22  ? 0.478   0.317   -2.277  1.00 25.34 ? 22  MET A CA  1 
ATOM   169 C C   . MET A 1 22  ? 0.820   0.861   -3.662  1.00 26.09 ? 22  MET A C   1 
ATOM   170 O O   . MET A 1 22  ? 0.430   0.276   -4.681  1.00 27.19 ? 22  MET A O   1 
ATOM   171 C CB  . MET A 1 22  ? -0.795  0.982   -1.724  1.00 24.41 ? 22  MET A CB  1 
ATOM   172 C CG  . MET A 1 22  ? -1.363  0.287   -0.461  1.00 24.37 ? 22  MET A CG  1 
ATOM   173 S SD  . MET A 1 22  ? -1.843  -1.466  -0.699  1.00 12.68 ? 22  MET A SD  1 
ATOM   174 C CE  . MET A 1 22  ? -3.384  -1.245  -1.488  1.00 24.20 ? 22  MET A CE  1 
ATOM   175 N N   . ILE A 1 23  ? 1.549   1.974   -3.711  1.00 25.43 ? 23  ILE A N   1 
ATOM   176 C CA  . ILE A 1 23  ? 1.955   2.553   -4.989  1.00 25.38 ? 23  ILE A CA  1 
ATOM   177 C C   . ILE A 1 23  ? 2.958   1.614   -5.662  1.00 23.94 ? 23  ILE A C   1 
ATOM   178 O O   . ILE A 1 23  ? 2.955   1.457   -6.880  1.00 24.57 ? 23  ILE A O   1 
ATOM   179 C CB  . ILE A 1 23  ? 2.590   3.953   -4.801  1.00 26.42 ? 23  ILE A CB  1 
ATOM   180 C CG1 . ILE A 1 23  ? 1.501   4.972   -4.460  1.00 25.44 ? 23  ILE A CG1 1 
ATOM   181 C CG2 . ILE A 1 23  ? 3.313   4.384   -6.077  1.00 29.32 ? 23  ILE A CG2 1 
ATOM   182 C CD1 . ILE A 1 23  ? 2.045   6.362   -4.163  1.00 26.68 ? 23  ILE A CD1 1 
ATOM   183 N N   . PHE A 1 24  ? 3.806   0.981   -4.858  1.00 24.86 ? 24  PHE A N   1 
ATOM   184 C CA  . PHE A 1 24  ? 4.796   0.039   -5.376  1.00 24.80 ? 24  PHE A CA  1 
ATOM   185 C C   . PHE A 1 24  ? 4.107   -1.138  -6.051  1.00 26.70 ? 24  PHE A C   1 
ATOM   186 O O   . PHE A 1 24  ? 4.488   -1.557  -7.152  1.00 25.52 ? 24  PHE A O   1 
ATOM   187 C CB  . PHE A 1 24  ? 5.673   -0.502  -4.238  1.00 25.16 ? 24  PHE A CB  1 
ATOM   188 C CG  . PHE A 1 24  ? 6.627   -1.588  -4.672  1.00 29.09 ? 24  PHE A CG  1 
ATOM   189 C CD1 . PHE A 1 24  ? 7.796   -1.274  -5.359  1.00 28.67 ? 24  PHE A CD1 1 
ATOM   190 C CD2 . PHE A 1 24  ? 6.342   -2.927  -4.420  1.00 30.38 ? 24  PHE A CD2 1 
ATOM   191 C CE1 . PHE A 1 24  ? 8.665   -2.277  -5.787  1.00 28.14 ? 24  PHE A CE1 1 
ATOM   192 C CE2 . PHE A 1 24  ? 7.209   -3.939  -4.848  1.00 29.76 ? 24  PHE A CE2 1 
ATOM   193 C CZ  . PHE A 1 24  ? 8.368   -3.611  -5.530  1.00 29.10 ? 24  PHE A CZ  1 
ATOM   194 N N   . LEU A 1 25  ? 3.078   -1.657  -5.386  1.00 25.84 ? 25  LEU A N   1 
ATOM   195 C CA  . LEU A 1 25  ? 2.337   -2.817  -5.875  1.00 27.68 ? 25  LEU A CA  1 
ATOM   196 C C   . LEU A 1 25  ? 1.333   -2.544  -6.988  1.00 28.07 ? 25  LEU A C   1 
ATOM   197 O O   . LEU A 1 25  ? 0.993   -3.449  -7.751  1.00 25.56 ? 25  LEU A O   1 
ATOM   198 C CB  . LEU A 1 25  ? 1.607   -3.499  -4.705  1.00 27.85 ? 25  LEU A CB  1 
ATOM   199 C CG  . LEU A 1 25  ? 2.462   -4.146  -3.605  1.00 27.86 ? 25  LEU A CG  1 
ATOM   200 C CD1 . LEU A 1 25  ? 1.579   -4.584  -2.438  1.00 26.38 ? 25  LEU A CD1 1 
ATOM   201 C CD2 . LEU A 1 25  ? 3.212   -5.330  -4.178  1.00 26.88 ? 25  LEU A CD2 1 
ATOM   202 N N   . LEU A 1 26  ? 0.859   -1.308  -7.082  1.00 28.16 ? 26  LEU A N   1 
ATOM   203 C CA  . LEU A 1 26  ? -0.136  -0.947  -8.088  1.00 31.01 ? 26  LEU A CA  1 
ATOM   204 C C   . LEU A 1 26  ? 0.208   -1.432  -9.508  1.00 31.93 ? 26  LEU A C   1 
ATOM   205 O O   . LEU A 1 26  ? -0.621  -2.053  -10.168 1.00 29.66 ? 26  LEU A O   1 
ATOM   206 C CB  . LEU A 1 26  ? -0.352  0.570   -8.061  1.00 32.74 ? 26  LEU A CB  1 
ATOM   207 C CG  . LEU A 1 26  ? -1.752  1.163   -8.248  1.00 36.16 ? 26  LEU A CG  1 
ATOM   208 C CD1 . LEU A 1 26  ? -2.844  0.195   -7.806  1.00 33.53 ? 26  LEU A CD1 1 
ATOM   209 C CD2 . LEU A 1 26  ? -1.821  2.461   -7.447  1.00 34.54 ? 26  LEU A CD2 1 
ATOM   210 N N   . PRO A 1 27  ? 1.435   -1.164  -9.989  1.00 31.64 ? 27  PRO A N   1 
ATOM   211 C CA  . PRO A 1 27  ? 1.813   -1.605  -11.339 1.00 33.23 ? 27  PRO A CA  1 
ATOM   212 C C   . PRO A 1 27  ? 2.376   -3.028  -11.400 1.00 33.04 ? 27  PRO A C   1 
ATOM   213 O O   . PRO A 1 27  ? 2.456   -3.627  -12.472 1.00 34.47 ? 27  PRO A O   1 
ATOM   214 C CB  . PRO A 1 27  ? 2.881   -0.587  -11.765 1.00 32.31 ? 27  PRO A CB  1 
ATOM   215 C CG  . PRO A 1 27  ? 2.919   0.452   -10.642 1.00 32.32 ? 27  PRO A CG  1 
ATOM   216 C CD  . PRO A 1 27  ? 2.466   -0.277  -9.430  1.00 31.74 ? 27  PRO A CD  1 
ATOM   217 N N   . ARG A 1 28  ? 2.764   -3.567  -10.250 1.00 32.10 ? 28  ARG A N   1 
ATOM   218 C CA  . ARG A 1 28  ? 3.382   -4.889  -10.205 1.00 30.70 ? 28  ARG A CA  1 
ATOM   219 C C   . ARG A 1 28  ? 2.518   -6.042  -9.716  1.00 30.48 ? 28  ARG A C   1 
ATOM   220 O O   . ARG A 1 28  ? 2.869   -7.202  -9.931  1.00 29.35 ? 28  ARG A O   1 
ATOM   221 C CB  . ARG A 1 28  ? 4.654   -4.802  -9.359  1.00 29.23 ? 28  ARG A CB  1 
ATOM   222 C CG  . ARG A 1 28  ? 5.596   -3.717  -9.855  1.00 28.89 ? 28  ARG A CG  1 
ATOM   223 C CD  . ARG A 1 28  ? 6.845   -3.566  -8.998  1.00 26.86 ? 28  ARG A CD  1 
ATOM   224 N NE  . ARG A 1 28  ? 7.747   -2.560  -9.561  1.00 28.28 ? 28  ARG A NE  1 
ATOM   225 C CZ  . ARG A 1 28  ? 7.539   -1.248  -9.502  1.00 28.98 ? 28  ARG A CZ  1 
ATOM   226 N NH1 . ARG A 1 28  ? 6.463   -0.764  -8.894  1.00 31.09 ? 28  ARG A NH1 1 
ATOM   227 N NH2 . ARG A 1 28  ? 8.396   -0.414  -10.067 1.00 31.20 ? 28  ARG A NH2 1 
ATOM   228 N N   . ARG A 1 29  ? 1.402   -5.717  -9.066  1.00 28.89 ? 29  ARG A N   1 
ATOM   229 C CA  . ARG A 1 29  ? 0.455   -6.691  -8.522  1.00 31.02 ? 29  ARG A CA  1 
ATOM   230 C C   . ARG A 1 29  ? 0.965   -7.472  -7.319  1.00 30.36 ? 29  ARG A C   1 
ATOM   231 O O   . ARG A 1 29  ? 0.254   -7.618  -6.326  1.00 28.91 ? 29  ARG A O   1 
ATOM   232 C CB  . ARG A 1 29  ? -0.002  -7.681  -9.600  1.00 35.48 ? 29  ARG A CB  1 
ATOM   233 C CG  . ARG A 1 29  ? -0.780  -8.894  -9.046  1.00 38.46 ? 29  ARG A CG  1 
ATOM   234 C CD  . ARG A 1 29  ? -2.105  -8.510  -8.362  1.00 42.02 ? 29  ARG A CD  1 
ATOM   235 N NE  . ARG A 1 29  ? -3.140  -8.120  -9.321  1.00 44.78 ? 29  ARG A NE  1 
ATOM   236 C CZ  . ARG A 1 29  ? -4.405  -7.845  -9.003  1.00 47.63 ? 29  ARG A CZ  1 
ATOM   237 N NH1 . ARG A 1 29  ? -4.815  -7.910  -7.742  1.00 44.86 ? 29  ARG A NH1 1 
ATOM   238 N NH2 . ARG A 1 29  ? -5.268  -7.511  -9.956  1.00 49.19 ? 29  ARG A NH2 1 
ATOM   239 N N   . LYS A 1 30  ? 2.186   -7.986  -7.401  1.00 29.24 ? 30  LYS A N   1 
ATOM   240 C CA  . LYS A 1 30  ? 2.737   -8.760  -6.290  1.00 33.48 ? 30  LYS A CA  1 
ATOM   241 C C   . LYS A 1 30  ? 4.255   -8.766  -6.279  1.00 32.91 ? 30  LYS A C   1 
ATOM   242 O O   . LYS A 1 30  ? 4.889   -8.544  -7.304  1.00 32.84 ? 30  LYS A O   1 
ATOM   243 C CB  . LYS A 1 30  ? 2.224   -10.206 -6.340  1.00 34.29 ? 30  LYS A CB  1 
ATOM   244 C CG  . LYS A 1 30  ? 2.524   -10.957 -7.636  1.00 38.98 ? 30  LYS A CG  1 
ATOM   245 C CD  . LYS A 1 30  ? 2.074   -12.410 -7.527  1.00 42.76 ? 30  LYS A CD  1 
ATOM   246 C CE  . LYS A 1 30  ? 2.214   -13.156 -8.846  1.00 45.02 ? 30  LYS A CE  1 
ATOM   247 N NZ  . LYS A 1 30  ? 1.312   -12.592 -9.896  1.00 50.50 ? 30  LYS A NZ  1 
ATOM   248 N N   . ALA A 1 31  ? 4.831   -9.023  -5.112  1.00 32.27 ? 31  ALA A N   1 
ATOM   249 C CA  . ALA A 1 31  ? 6.281   -9.070  -4.981  1.00 31.72 ? 31  ALA A CA  1 
ATOM   250 C C   . ALA A 1 31  ? 6.667   -9.787  -3.698  1.00 32.00 ? 31  ALA A C   1 
ATOM   251 O O   . ALA A 1 31  ? 5.887   -9.834  -2.744  1.00 31.26 ? 31  ALA A O   1 
ATOM   252 C CB  . ALA A 1 31  ? 6.850   -7.652  -4.979  1.00 31.90 ? 31  ALA A CB  1 
ATOM   253 N N   . PRO A 1 32  ? 7.862   -10.397 -3.670  1.00 32.17 ? 32  PRO A N   1 
ATOM   254 C CA  . PRO A 1 32  ? 8.276   -11.086 -2.448  1.00 30.39 ? 32  PRO A CA  1 
ATOM   255 C C   . PRO A 1 32  ? 8.486   -10.050 -1.346  1.00 30.10 ? 32  PRO A C   1 
ATOM   256 O O   . PRO A 1 32  ? 8.934   -8.932  -1.608  1.00 27.53 ? 32  PRO A O   1 
ATOM   257 C CB  . PRO A 1 32  ? 9.591   -11.752 -2.852  1.00 31.47 ? 32  PRO A CB  1 
ATOM   258 C CG  . PRO A 1 32  ? 9.389   -12.032 -4.319  1.00 30.86 ? 32  PRO A CG  1 
ATOM   259 C CD  . PRO A 1 32  ? 8.747   -10.746 -4.799  1.00 30.07 ? 32  PRO A CD  1 
ATOM   260 N N   . PHE A 1 33  ? 8.151   -10.433 -0.122  1.00 29.82 ? 33  PHE A N   1 
ATOM   261 C CA  . PHE A 1 33  ? 8.310   -9.581  1.046   1.00 31.94 ? 33  PHE A CA  1 
ATOM   262 C C   . PHE A 1 33  ? 9.743   -9.047  1.065   1.00 32.62 ? 33  PHE A C   1 
ATOM   263 O O   . PHE A 1 33  ? 9.978   -7.852  1.276   1.00 31.44 ? 33  PHE A O   1 
ATOM   264 C CB  . PHE A 1 33  ? 8.036   -10.419 2.304   1.00 33.11 ? 33  PHE A CB  1 
ATOM   265 C CG  . PHE A 1 33  ? 8.153   -9.659  3.593   1.00 35.66 ? 33  PHE A CG  1 
ATOM   266 C CD1 . PHE A 1 33  ? 7.017   -9.159  4.226   1.00 36.26 ? 33  PHE A CD1 1 
ATOM   267 C CD2 . PHE A 1 33  ? 9.394   -9.466  4.193   1.00 36.00 ? 33  PHE A CD2 1 
ATOM   268 C CE1 . PHE A 1 33  ? 7.117   -8.482  5.446   1.00 37.24 ? 33  PHE A CE1 1 
ATOM   269 C CE2 . PHE A 1 33  ? 9.506   -8.789  5.410   1.00 37.04 ? 33  PHE A CE2 1 
ATOM   270 C CZ  . PHE A 1 33  ? 8.364   -8.299  6.037   1.00 35.54 ? 33  PHE A CZ  1 
ATOM   271 N N   . SER A 1 34  ? 10.701  -9.939  0.823   1.00 34.26 ? 34  SER A N   1 
ATOM   272 C CA  . SER A 1 34  ? 12.109  -9.559  0.839   1.00 36.16 ? 34  SER A CA  1 
ATOM   273 C C   . SER A 1 34  ? 12.485  -8.482  -0.182  1.00 35.11 ? 34  SER A C   1 
ATOM   274 O O   . SER A 1 34  ? 13.353  -7.656  0.091   1.00 33.78 ? 34  SER A O   1 
ATOM   275 C CB  . SER A 1 34  ? 12.993  -10.800 0.649   1.00 38.61 ? 34  SER A CB  1 
ATOM   276 O OG  . SER A 1 34  ? 12.714  -11.449 -0.578  1.00 42.80 ? 34  SER A OG  1 
ATOM   277 N N   . GLN A 1 35  ? 11.848  -8.485  -1.352  1.00 33.92 ? 35  GLN A N   1 
ATOM   278 C CA  . GLN A 1 35  ? 12.151  -7.469  -2.361  1.00 32.69 ? 35  GLN A CA  1 
ATOM   279 C C   . GLN A 1 35  ? 11.624  -6.103  -1.923  1.00 31.93 ? 35  GLN A C   1 
ATOM   280 O O   . GLN A 1 35  ? 12.329  -5.098  -2.003  1.00 32.19 ? 35  GLN A O   1 
ATOM   281 C CB  . GLN A 1 35  ? 11.540  -7.838  -3.718  1.00 33.23 ? 35  GLN A CB  1 
ATOM   282 C CG  . GLN A 1 35  ? 12.170  -9.064  -4.366  1.00 38.67 ? 35  GLN A CG  1 
ATOM   283 C CD  . GLN A 1 35  ? 11.761  -9.253  -5.821  1.00 38.15 ? 35  GLN A CD  1 
ATOM   284 O OE1 . GLN A 1 35  ? 11.969  -10.321 -6.398  1.00 42.16 ? 35  GLN A OE1 1 
ATOM   285 N NE2 . GLN A 1 35  ? 11.197  -8.217  -6.420  1.00 34.07 ? 35  GLN A NE2 1 
ATOM   286 N N   . ILE A 1 36  ? 10.377  -6.076  -1.463  1.00 30.09 ? 36  ILE A N   1 
ATOM   287 C CA  . ILE A 1 36  ? 9.752   -4.839  -1.008  1.00 28.64 ? 36  ILE A CA  1 
ATOM   288 C C   . ILE A 1 36  ? 10.608  -4.221  0.093   1.00 28.47 ? 36  ILE A C   1 
ATOM   289 O O   . ILE A 1 36  ? 10.908  -3.023  0.074   1.00 27.77 ? 36  ILE A O   1 
ATOM   290 C CB  . ILE A 1 36  ? 8.327   -5.111  -0.454  1.00 28.75 ? 36  ILE A CB  1 
ATOM   291 C CG1 . ILE A 1 36  ? 7.475   -5.791  -1.536  1.00 29.97 ? 36  ILE A CG1 1 
ATOM   292 C CG2 . ILE A 1 36  ? 7.683   -3.809  -0.005  1.00 28.00 ? 36  ILE A CG2 1 
ATOM   293 C CD1 . ILE A 1 36  ? 6.045   -6.110  -1.112  1.00 30.45 ? 36  ILE A CD1 1 
ATOM   294 N N   . GLN A 1 37  ? 11.004  -5.058  1.044   1.00 27.79 ? 37  GLN A N   1 
ATOM   295 C CA  . GLN A 1 37  ? 11.826  -4.642  2.173   1.00 30.14 ? 37  GLN A CA  1 
ATOM   296 C C   . GLN A 1 37  ? 13.115  -3.955  1.717   1.00 31.38 ? 37  GLN A C   1 
ATOM   297 O O   . GLN A 1 37  ? 13.476  -2.890  2.220   1.00 30.85 ? 37  GLN A O   1 
ATOM   298 C CB  . GLN A 1 37  ? 12.155  -5.870  3.032   1.00 31.92 ? 37  GLN A CB  1 
ATOM   299 C CG  . GLN A 1 37  ? 12.846  -5.563  4.346   1.00 39.30 ? 37  GLN A CG  1 
ATOM   300 C CD  . GLN A 1 37  ? 14.313  -5.920  4.318   1.00 43.06 ? 37  GLN A CD  1 
ATOM   301 O OE1 . GLN A 1 37  ? 14.674  -7.082  4.116   1.00 48.66 ? 37  GLN A OE1 1 
ATOM   302 N NE2 . GLN A 1 37  ? 15.172  -4.927  4.519   1.00 45.05 ? 37  GLN A NE2 1 
ATOM   303 N N   . LYS A 1 38  ? 13.801  -4.568  0.757   1.00 31.51 ? 38  LYS A N   1 
ATOM   304 C CA  . LYS A 1 38  ? 15.047  -4.021  0.237   1.00 31.98 ? 38  LYS A CA  1 
ATOM   305 C C   . LYS A 1 38  ? 14.892  -2.798  -0.673  1.00 30.38 ? 38  LYS A C   1 
ATOM   306 O O   . LYS A 1 38  ? 15.572  -1.796  -0.477  1.00 30.64 ? 38  LYS A O   1 
ATOM   307 C CB  . LYS A 1 38  ? 15.816  -5.112  -0.508  1.00 34.71 ? 38  LYS A CB  1 
ATOM   308 C CG  . LYS A 1 38  ? 16.282  -6.239  0.397   1.00 40.47 ? 38  LYS A CG  1 
ATOM   309 C CD  . LYS A 1 38  ? 17.004  -7.315  -0.387  1.00 46.34 ? 38  LYS A CD  1 
ATOM   310 C CE  . LYS A 1 38  ? 17.575  -8.377  0.541   1.00 48.39 ? 38  LYS A CE  1 
ATOM   311 N NZ  . LYS A 1 38  ? 18.391  -9.363  -0.219  1.00 51.58 ? 38  LYS A NZ  1 
ATOM   312 N N   . VAL A 1 39  ? 14.003  -2.869  -1.657  1.00 28.91 ? 39  VAL A N   1 
ATOM   313 C CA  . VAL A 1 39  ? 13.841  -1.745  -2.578  1.00 29.76 ? 39  VAL A CA  1 
ATOM   314 C C   . VAL A 1 39  ? 13.281  -0.474  -1.920  1.00 29.68 ? 39  VAL A C   1 
ATOM   315 O O   . VAL A 1 39  ? 13.679  0.641   -2.274  1.00 29.35 ? 39  VAL A O   1 
ATOM   316 C CB  . VAL A 1 39  ? 12.981  -2.156  -3.817  1.00 29.34 ? 39  VAL A CB  1 
ATOM   317 C CG1 . VAL A 1 39  ? 11.564  -2.455  -3.413  1.00 31.10 ? 39  VAL A CG1 1 
ATOM   318 C CG2 . VAL A 1 39  ? 13.021  -1.056  -4.870  1.00 31.10 ? 39  VAL A CG2 1 
ATOM   319 N N   . LEU A 1 40  ? 12.381  -0.627  -0.952  1.00 28.59 ? 40  LEU A N   1 
ATOM   320 C CA  . LEU A 1 40  ? 11.803  0.534   -0.275  1.00 30.48 ? 40  LEU A CA  1 
ATOM   321 C C   . LEU A 1 40  ? 12.572  0.906   1.001   1.00 32.57 ? 40  LEU A C   1 
ATOM   322 O O   . LEU A 1 40  ? 12.119  1.741   1.789   1.00 31.97 ? 40  LEU A O   1 
ATOM   323 C CB  . LEU A 1 40  ? 10.324  0.275   0.061   1.00 28.96 ? 40  LEU A CB  1 
ATOM   324 C CG  . LEU A 1 40  ? 9.419   -0.130  -1.108  1.00 29.91 ? 40  LEU A CG  1 
ATOM   325 C CD1 . LEU A 1 40  ? 7.979   -0.244  -0.643  1.00 29.83 ? 40  LEU A CD1 1 
ATOM   326 C CD2 . LEU A 1 40  ? 9.518   0.896   -2.211  1.00 32.22 ? 40  LEU A CD2 1 
ATOM   327 N N   . ASP A 1 41  ? 13.731  0.279   1.193   1.00 33.56 ? 41  ASP A N   1 
ATOM   328 C CA  . ASP A 1 41  ? 14.593  0.528   2.349   1.00 36.86 ? 41  ASP A CA  1 
ATOM   329 C C   . ASP A 1 41  ? 13.840  0.559   3.678   1.00 36.25 ? 41  ASP A C   1 
ATOM   330 O O   . ASP A 1 41  ? 13.878  1.550   4.410   1.00 34.61 ? 41  ASP A O   1 
ATOM   331 C CB  . ASP A 1 41  ? 15.369  1.837   2.159   1.00 39.87 ? 41  ASP A CB  1 
ATOM   332 C CG  . ASP A 1 41  ? 16.381  2.089   3.272   1.00 44.73 ? 41  ASP A CG  1 
ATOM   333 O OD1 . ASP A 1 41  ? 17.034  1.121   3.728   1.00 44.76 ? 41  ASP A OD1 1 
ATOM   334 O OD2 . ASP A 1 41  ? 16.528  3.259   3.682   1.00 46.07 ? 41  ASP A OD2 1 
ATOM   335 N N   . LEU A 1 42  ? 13.155  -0.542  3.972   1.00 34.09 ? 42  LEU A N   1 
ATOM   336 C CA  . LEU A 1 42  ? 12.384  -0.693  5.197   1.00 35.51 ? 42  LEU A CA  1 
ATOM   337 C C   . LEU A 1 42  ? 12.947  -1.874  5.978   1.00 37.32 ? 42  LEU A C   1 
ATOM   338 O O   . LEU A 1 42  ? 13.489  -2.815  5.398   1.00 37.04 ? 42  LEU A O   1 
ATOM   339 C CB  . LEU A 1 42  ? 10.918  -0.994  4.873   1.00 34.98 ? 42  LEU A CB  1 
ATOM   340 C CG  . LEU A 1 42  ? 10.070  0.049   4.151   1.00 36.04 ? 42  LEU A CG  1 
ATOM   341 C CD1 . LEU A 1 42  ? 8.748   -0.581  3.722   1.00 37.67 ? 42  LEU A CD1 1 
ATOM   342 C CD2 . LEU A 1 42  ? 9.827   1.239   5.075   1.00 35.29 ? 42  LEU A CD2 1 
ATOM   343 N N   . THR A 1 43  ? 12.821  -1.830  7.295   1.00 36.70 ? 43  THR A N   1 
ATOM   344 C CA  . THR A 1 43  ? 13.291  -2.935  8.108   1.00 37.76 ? 43  THR A CA  1 
ATOM   345 C C   . THR A 1 43  ? 12.221  -4.030  8.011   1.00 37.74 ? 43  THR A C   1 
ATOM   346 O O   . THR A 1 43  ? 11.040  -3.741  7.799   1.00 35.90 ? 43  THR A O   1 
ATOM   347 C CB  . THR A 1 43  ? 13.438  -2.516  9.571   1.00 38.50 ? 43  THR A CB  1 
ATOM   348 O OG1 . THR A 1 43  ? 12.144  -2.213  10.103  1.00 39.18 ? 43  THR A OG1 1 
ATOM   349 C CG2 . THR A 1 43  ? 14.330  -1.288  9.685   1.00 38.77 ? 43  THR A CG2 1 
ATOM   350 N N   . PRO A 1 44  ? 12.620  -5.302  8.152   1.00 37.75 ? 44  PRO A N   1 
ATOM   351 C CA  . PRO A 1 44  ? 11.639  -6.389  8.070   1.00 38.36 ? 44  PRO A CA  1 
ATOM   352 C C   . PRO A 1 44  ? 10.524  -6.208  9.099   1.00 38.15 ? 44  PRO A C   1 
ATOM   353 O O   . PRO A 1 44  ? 9.365   -6.538  8.837   1.00 37.21 ? 44  PRO A O   1 
ATOM   354 C CB  . PRO A 1 44  ? 12.480  -7.632  8.343   1.00 38.31 ? 44  PRO A CB  1 
ATOM   355 C CG  . PRO A 1 44  ? 13.833  -7.246  7.820   1.00 39.36 ? 44  PRO A CG  1 
ATOM   356 C CD  . PRO A 1 44  ? 13.986  -5.831  8.309   1.00 37.62 ? 44  PRO A CD  1 
ATOM   357 N N   . GLY A 1 45  ? 10.889  -5.669  10.263  1.00 38.41 ? 45  GLY A N   1 
ATOM   358 C CA  . GLY A 1 45  ? 9.931   -5.443  11.338  1.00 36.81 ? 45  GLY A CA  1 
ATOM   359 C C   . GLY A 1 45  ? 8.866   -4.400  11.039  1.00 35.88 ? 45  GLY A C   1 
ATOM   360 O O   . GLY A 1 45  ? 7.682   -4.614  11.315  1.00 34.83 ? 45  GLY A O   1 
ATOM   361 N N   . ASN A 1 46  ? 9.274   -3.261  10.488  1.00 36.05 ? 46  ASN A N   1 
ATOM   362 C CA  . ASN A 1 46  ? 8.315   -2.220  10.156  1.00 35.29 ? 46  ASN A CA  1 
ATOM   363 C C   . ASN A 1 46  ? 7.427   -2.648  9.000   1.00 32.11 ? 46  ASN A C   1 
ATOM   364 O O   . ASN A 1 46  ? 6.219   -2.427  9.026   1.00 31.11 ? 46  ASN A O   1 
ATOM   365 C CB  . ASN A 1 46  ? 9.021   -0.911  9.802   1.00 38.30 ? 46  ASN A CB  1 
ATOM   366 C CG  . ASN A 1 46  ? 9.278   -0.052  11.015  1.00 42.90 ? 46  ASN A CG  1 
ATOM   367 O OD1 . ASN A 1 46  ? 8.409   0.095   11.879  1.00 43.83 ? 46  ASN A OD1 1 
ATOM   368 N ND2 . ASN A 1 46  ? 10.468  0.529   11.085  1.00 42.76 ? 46  ASN A ND2 1 
ATOM   369 N N   . LEU A 1 47  ? 8.034   -3.247  7.983   1.00 30.45 ? 47  LEU A N   1 
ATOM   370 C CA  . LEU A 1 47  ? 7.289   -3.706  6.823   1.00 30.31 ? 47  LEU A CA  1 
ATOM   371 C C   . LEU A 1 47  ? 6.222   -4.685  7.282   1.00 30.90 ? 47  LEU A C   1 
ATOM   372 O O   . LEU A 1 47  ? 5.058   -4.575  6.915   1.00 31.70 ? 47  LEU A O   1 
ATOM   373 C CB  . LEU A 1 47  ? 8.224   -4.386  5.812   1.00 26.47 ? 47  LEU A CB  1 
ATOM   374 C CG  . LEU A 1 47  ? 7.507   -4.964  4.585   1.00 27.32 ? 47  LEU A CG  1 
ATOM   375 C CD1 . LEU A 1 47  ? 6.662   -3.869  3.917   1.00 26.46 ? 47  LEU A CD1 1 
ATOM   376 C CD2 . LEU A 1 47  ? 8.529   -5.545  3.616   1.00 28.52 ? 47  LEU A CD2 1 
ATOM   377 N N   . ASP A 1 48  ? 6.634   -5.637  8.107   1.00 33.56 ? 48  ASP A N   1 
ATOM   378 C CA  . ASP A 1 48  ? 5.725   -6.649  8.623   1.00 34.82 ? 48  ASP A CA  1 
ATOM   379 C C   . ASP A 1 48  ? 4.493   -6.034  9.290   1.00 35.09 ? 48  ASP A C   1 
ATOM   380 O O   . ASP A 1 48  ? 3.362   -6.442  9.019   1.00 34.69 ? 48  ASP A O   1 
ATOM   381 C CB  . ASP A 1 48  ? 6.475   -7.542  9.612   1.00 38.61 ? 48  ASP A CB  1 
ATOM   382 C CG  . ASP A 1 48  ? 5.621   -8.666  10.144  1.00 41.94 ? 48  ASP A CG  1 
ATOM   383 O OD1 . ASP A 1 48  ? 5.119   -9.478  9.340   1.00 42.90 ? 48  ASP A OD1 1 
ATOM   384 O OD2 . ASP A 1 48  ? 5.454   -8.736  11.376  1.00 47.91 ? 48  ASP A OD2 1 
ATOM   385 N N   . SER A 1 49  ? 4.705   -5.044  10.150  1.00 33.83 ? 49  SER A N   1 
ATOM   386 C CA  . SER A 1 49  ? 3.594   -4.401  10.835  1.00 34.41 ? 49  SER A CA  1 
ATOM   387 C C   . SER A 1 49  ? 2.656   -3.683  9.877   1.00 31.19 ? 49  SER A C   1 
ATOM   388 O O   . SER A 1 49  ? 1.443   -3.771  10.015  1.00 29.24 ? 49  SER A O   1 
ATOM   389 C CB  . SER A 1 49  ? 4.109   -3.421  11.888  1.00 37.38 ? 49  SER A CB  1 
ATOM   390 O OG  . SER A 1 49  ? 4.720   -4.123  12.957  1.00 45.82 ? 49  SER A OG  1 
ATOM   391 N N   . HIS A 1 50  ? 3.213   -2.967  8.908   1.00 31.60 ? 50  HIS A N   1 
ATOM   392 C CA  . HIS A 1 50  ? 2.378   -2.264  7.939   1.00 30.41 ? 50  HIS A CA  1 
ATOM   393 C C   . HIS A 1 50  ? 1.592   -3.239  7.065   1.00 28.81 ? 50  HIS A C   1 
ATOM   394 O O   . HIS A 1 50  ? 0.432   -2.989  6.730   1.00 28.86 ? 50  HIS A O   1 
ATOM   395 C CB  . HIS A 1 50  ? 3.238   -1.346  7.073   1.00 29.68 ? 50  HIS A CB  1 
ATOM   396 C CG  . HIS A 1 50  ? 3.728   -0.133  7.802   1.00 31.59 ? 50  HIS A CG  1 
ATOM   397 N ND1 . HIS A 1 50  ? 2.877   0.833   8.287   1.00 30.22 ? 50  HIS A ND1 1 
ATOM   398 C CD2 . HIS A 1 50  ? 4.977   0.248   8.163   1.00 33.48 ? 50  HIS A CD2 1 
ATOM   399 C CE1 . HIS A 1 50  ? 3.577   1.760   8.917   1.00 31.73 ? 50  HIS A CE1 1 
ATOM   400 N NE2 . HIS A 1 50  ? 4.854   1.428   8.857   1.00 33.58 ? 50  HIS A NE2 1 
ATOM   401 N N   . ILE A 1 51  ? 2.226   -4.349  6.703   1.00 28.91 ? 51  ILE A N   1 
ATOM   402 C CA  . ILE A 1 51  ? 1.578   -5.366  5.878   1.00 29.80 ? 51  ILE A CA  1 
ATOM   403 C C   . ILE A 1 51  ? 0.366   -5.952  6.607   1.00 30.86 ? 51  ILE A C   1 
ATOM   404 O O   . ILE A 1 51  ? -0.682  -6.181  6.000   1.00 28.65 ? 51  ILE A O   1 
ATOM   405 C CB  . ILE A 1 51  ? 2.577   -6.497  5.516   1.00 30.44 ? 51  ILE A CB  1 
ATOM   406 C CG1 . ILE A 1 51  ? 3.647   -5.949  4.571   1.00 29.65 ? 51  ILE A CG1 1 
ATOM   407 C CG2 . ILE A 1 51  ? 1.852   -7.671  4.848   1.00 32.19 ? 51  ILE A CG2 1 
ATOM   408 C CD1 . ILE A 1 51  ? 3.080   -5.344  3.305   1.00 32.02 ? 51  ILE A CD1 1 
ATOM   409 N N   . ARG A 1 52  ? 0.512   -6.177  7.912   1.00 32.49 ? 52  ARG A N   1 
ATOM   410 C CA  . ARG A 1 52  ? -0.576  -6.716  8.732   1.00 34.86 ? 52  ARG A CA  1 
ATOM   411 C C   . ARG A 1 52  ? -1.771  -5.760  8.748   1.00 31.75 ? 52  ARG A C   1 
ATOM   412 O O   . ARG A 1 52  ? -2.915  -6.182  8.623   1.00 31.93 ? 52  ARG A O   1 
ATOM   413 C CB  . ARG A 1 52  ? -0.085  -6.960  10.168  1.00 38.66 ? 52  ARG A CB  1 
ATOM   414 C CG  . ARG A 1 52  ? 0.270   -8.411  10.468  1.00 46.27 ? 52  ARG A CG  1 
ATOM   415 C CD  . ARG A 1 52  ? 0.798   -8.578  11.892  1.00 50.06 ? 52  ARG A CD  1 
ATOM   416 N NE  . ARG A 1 52  ? 2.228   -8.297  11.986  1.00 54.37 ? 52  ARG A NE  1 
ATOM   417 C CZ  . ARG A 1 52  ? 2.779   -7.496  12.895  1.00 56.31 ? 52  ARG A CZ  1 
ATOM   418 N NH1 . ARG A 1 52  ? 2.024   -6.884  13.797  1.00 57.86 ? 52  ARG A NH1 1 
ATOM   419 N NH2 . ARG A 1 52  ? 4.090   -7.308  12.903  1.00 57.67 ? 52  ARG A NH2 1 
ATOM   420 N N   . VAL A 1 53  ? -1.501  -4.469  8.902   1.00 32.22 ? 53  VAL A N   1 
ATOM   421 C CA  . VAL A 1 53  ? -2.565  -3.468  8.911   1.00 30.03 ? 53  VAL A CA  1 
ATOM   422 C C   . VAL A 1 53  ? -3.299  -3.502  7.564   1.00 29.87 ? 53  VAL A C   1 
ATOM   423 O O   . VAL A 1 53  ? -4.534  -3.499  7.504   1.00 28.01 ? 53  VAL A O   1 
ATOM   424 C CB  . VAL A 1 53  ? -1.986  -2.041  9.125   1.00 31.30 ? 53  VAL A CB  1 
ATOM   425 C CG1 . VAL A 1 53  ? -3.100  -1.008  9.081   1.00 31.30 ? 53  VAL A CG1 1 
ATOM   426 C CG2 . VAL A 1 53  ? -1.246  -1.967  10.460  1.00 32.71 ? 53  VAL A CG2 1 
ATOM   427 N N   . LEU A 1 54  ? -2.528  -3.524  6.483   1.00 28.28 ? 54  LEU A N   1 
ATOM   428 C CA  . LEU A 1 54  ? -3.101  -3.548  5.145   1.00 27.38 ? 54  LEU A CA  1 
ATOM   429 C C   . LEU A 1 54  ? -3.909  -4.812  4.892   1.00 29.05 ? 54  LEU A C   1 
ATOM   430 O O   . LEU A 1 54  ? -4.989  -4.749  4.308   1.00 28.81 ? 54  LEU A O   1 
ATOM   431 C CB  . LEU A 1 54  ? -1.995  -3.418  4.084   1.00 26.73 ? 54  LEU A CB  1 
ATOM   432 C CG  . LEU A 1 54  ? -1.272  -2.070  3.948   1.00 23.78 ? 54  LEU A CG  1 
ATOM   433 C CD1 . LEU A 1 54  ? -0.078  -2.216  3.009   1.00 24.67 ? 54  LEU A CD1 1 
ATOM   434 C CD2 . LEU A 1 54  ? -2.230  -1.018  3.420   1.00 24.13 ? 54  LEU A CD2 1 
ATOM   435 N N   . GLU A 1 55  ? -3.398  -5.959  5.336   1.00 30.65 ? 55  GLU A N   1 
ATOM   436 C CA  . GLU A 1 55  ? -4.109  -7.215  5.108   1.00 33.05 ? 55  GLU A CA  1 
ATOM   437 C C   . GLU A 1 55  ? -5.386  -7.340  5.944   1.00 34.92 ? 55  GLU A C   1 
ATOM   438 O O   . GLU A 1 55  ? -6.379  -7.892  5.471   1.00 31.82 ? 55  GLU A O   1 
ATOM   439 C CB  . GLU A 1 55  ? -3.185  -8.417  5.356   1.00 33.80 ? 55  GLU A CB  1 
ATOM   440 C CG  . GLU A 1 55  ? -3.854  -9.775  5.094   1.00 37.39 ? 55  GLU A CG  1 
ATOM   441 C CD  . GLU A 1 55  ? -2.867  -10.872 4.705   1.00 37.72 ? 55  GLU A CD  1 
ATOM   442 O OE1 . GLU A 1 55  ? -1.748  -10.895 5.256   1.00 37.48 ? 55  GLU A OE1 1 
ATOM   443 O OE2 . GLU A 1 55  ? -3.220  -11.721 3.852   1.00 38.92 ? 55  GLU A OE2 1 
ATOM   444 N N   . ARG A 1 56  ? -5.370  -6.821  7.171   1.00 35.74 ? 56  ARG A N   1 
ATOM   445 C CA  . ARG A 1 56  ? -6.560  -6.885  8.018   1.00 37.02 ? 56  ARG A CA  1 
ATOM   446 C C   . ARG A 1 56  ? -7.673  -6.062  7.393   1.00 36.64 ? 56  ARG A C   1 
ATOM   447 O O   . ARG A 1 56  ? -8.851  -6.277  7.676   1.00 37.84 ? 56  ARG A O   1 
ATOM   448 C CB  . ARG A 1 56  ? -6.282  -6.341  9.426   1.00 39.16 ? 56  ARG A CB  1 
ATOM   449 C CG  . ARG A 1 56  ? -5.278  -7.132  10.242  1.00 45.27 ? 56  ARG A CG  1 
ATOM   450 C CD  . ARG A 1 56  ? -5.403  -6.784  11.725  1.00 49.09 ? 56  ARG A CD  1 
ATOM   451 N NE  . ARG A 1 56  ? -5.394  -5.340  11.964  1.00 51.84 ? 56  ARG A NE  1 
ATOM   452 C CZ  . ARG A 1 56  ? -4.314  -4.636  12.294  1.00 53.41 ? 56  ARG A CZ  1 
ATOM   453 N NH1 . ARG A 1 56  ? -3.139  -5.236  12.430  1.00 53.42 ? 56  ARG A NH1 1 
ATOM   454 N NH2 . ARG A 1 56  ? -4.411  -3.327  12.490  1.00 53.04 ? 56  ARG A NH2 1 
ATOM   455 N N   . ASN A 1 57  ? -7.300  -5.108  6.544   1.00 33.58 ? 57  ASN A N   1 
ATOM   456 C CA  . ASN A 1 57  ? -8.281  -4.259  5.891   1.00 31.96 ? 57  ASN A CA  1 
ATOM   457 C C   . ASN A 1 57  ? -8.536  -4.659  4.441   1.00 31.62 ? 57  ASN A C   1 
ATOM   458 O O   . ASN A 1 57  ? -9.107  -3.888  3.665   1.00 32.26 ? 57  ASN A O   1 
ATOM   459 C CB  . ASN A 1 57  ? -7.847  -2.796  6.002   1.00 34.53 ? 57  ASN A CB  1 
ATOM   460 C CG  . ASN A 1 57  ? -8.039  -2.241  7.416   1.00 37.16 ? 57  ASN A CG  1 
ATOM   461 O OD1 . ASN A 1 57  ? -9.153  -1.882  7.804   1.00 38.32 ? 57  ASN A OD1 1 
ATOM   462 N ND2 . ASN A 1 57  ? -6.958  -2.195  8.194   1.00 33.38 ? 57  ASN A ND2 1 
ATOM   463 N N   . GLY A 1 58  ? -8.108  -5.873  4.091   1.00 30.98 ? 58  GLY A N   1 
ATOM   464 C CA  . GLY A 1 58  ? -8.307  -6.413  2.754   1.00 27.93 ? 58  GLY A CA  1 
ATOM   465 C C   . GLY A 1 58  ? -7.666  -5.682  1.587   1.00 28.96 ? 58  GLY A C   1 
ATOM   466 O O   . GLY A 1 58  ? -8.091  -5.867  0.444   1.00 27.60 ? 58  GLY A O   1 
ATOM   467 N N   . LEU A 1 59  ? -6.643  -4.872  1.858   1.00 27.82 ? 59  LEU A N   1 
ATOM   468 C CA  . LEU A 1 59  ? -5.959  -4.107  0.812   1.00 25.95 ? 59  LEU A CA  1 
ATOM   469 C C   . LEU A 1 59  ? -4.875  -4.924  0.115   1.00 25.42 ? 59  LEU A C   1 
ATOM   470 O O   . LEU A 1 59  ? -4.547  -4.688  -1.054  1.00 24.89 ? 59  LEU A O   1 
ATOM   471 C CB  . LEU A 1 59  ? -5.378  -2.823  1.414   1.00 25.46 ? 59  LEU A CB  1 
ATOM   472 C CG  . LEU A 1 59  ? -6.495  -1.888  1.913   1.00 26.35 ? 59  LEU A CG  1 
ATOM   473 C CD1 . LEU A 1 59  ? -5.926  -0.777  2.792   1.00 27.42 ? 59  LEU A CD1 1 
ATOM   474 C CD2 . LEU A 1 59  ? -7.236  -1.308  0.713   1.00 26.83 ? 59  LEU A CD2 1 
ATOM   475 N N   . VAL A 1 60  ? -4.307  -5.876  0.846   1.00 26.75 ? 60  VAL A N   1 
ATOM   476 C CA  . VAL A 1 60  ? -3.308  -6.779  0.295   1.00 29.17 ? 60  VAL A CA  1 
ATOM   477 C C   . VAL A 1 60  ? -3.590  -8.153  0.883   1.00 32.41 ? 60  VAL A C   1 
ATOM   478 O O   . VAL A 1 60  ? -4.442  -8.303  1.764   1.00 30.24 ? 60  VAL A O   1 
ATOM   479 C CB  . VAL A 1 60  ? -1.860  -6.378  0.665   1.00 27.98 ? 60  VAL A CB  1 
ATOM   480 C CG1 . VAL A 1 60  ? -1.559  -4.968  0.141   1.00 28.20 ? 60  VAL A CG1 1 
ATOM   481 C CG2 . VAL A 1 60  ? -1.653  -6.469  2.175   1.00 31.24 ? 60  VAL A CG2 1 
ATOM   482 N N   . LYS A 1 61  ? -2.891  -9.153  0.374   1.00 34.44 ? 61  LYS A N   1 
ATOM   483 C CA  . LYS A 1 61  ? -3.037  -10.509 0.865   1.00 37.79 ? 61  LYS A CA  1 
ATOM   484 C C   . LYS A 1 61  ? -1.618  -11.062 0.854   1.00 37.00 ? 61  LYS A C   1 
ATOM   485 O O   . LYS A 1 61  ? -0.796  -10.649 0.038   1.00 36.82 ? 61  LYS A O   1 
ATOM   486 C CB  . LYS A 1 61  ? -3.953  -11.325 -0.059  1.00 38.67 ? 61  LYS A CB  1 
ATOM   487 C CG  . LYS A 1 61  ? -3.290  -11.820 -1.332  1.00 44.01 ? 61  LYS A CG  1 
ATOM   488 C CD  . LYS A 1 61  ? -4.297  -12.419 -2.308  1.00 47.12 ? 61  LYS A CD  1 
ATOM   489 C CE  . LYS A 1 61  ? -5.102  -11.330 -3.010  1.00 51.62 ? 61  LYS A CE  1 
ATOM   490 N NZ  . LYS A 1 61  ? -6.078  -11.877 -4.004  1.00 53.24 ? 61  LYS A NZ  1 
ATOM   491 N N   . THR A 1 62  ? -1.315  -11.958 1.779   1.00 37.12 ? 62  THR A N   1 
ATOM   492 C CA  . THR A 1 62  ? 0.015   -12.544 1.836   1.00 38.64 ? 62  THR A CA  1 
ATOM   493 C C   . THR A 1 62  ? -0.138  -14.049 1.879   1.00 39.94 ? 62  THR A C   1 
ATOM   494 O O   . THR A 1 62  ? -1.155  -14.562 2.340   1.00 37.68 ? 62  THR A O   1 
ATOM   495 C CB  . THR A 1 62  ? 0.794   -12.102 3.088   1.00 39.00 ? 62  THR A CB  1 
ATOM   496 O OG1 . THR A 1 62  ? 0.134   -12.595 4.260   1.00 38.54 ? 62  THR A OG1 1 
ATOM   497 C CG2 . THR A 1 62  ? 0.888   -10.579 3.148   1.00 39.45 ? 62  THR A CG2 1 
ATOM   498 N N   . TYR A 1 63  ? 0.875   -14.750 1.386   1.00 41.55 ? 63  TYR A N   1 
ATOM   499 C CA  . TYR A 1 63  ? 0.857   -16.203 1.374   1.00 43.22 ? 63  TYR A CA  1 
ATOM   500 C C   . TYR A 1 63  ? 2.272   -16.711 1.172   1.00 44.79 ? 63  TYR A C   1 
ATOM   501 O O   . TYR A 1 63  ? 3.082   -16.071 0.498   1.00 44.71 ? 63  TYR A O   1 
ATOM   502 C CB  . TYR A 1 63  ? -0.070  -16.721 0.267   1.00 40.76 ? 63  TYR A CB  1 
ATOM   503 C CG  . TYR A 1 63  ? 0.151   -16.084 -1.089  1.00 40.88 ? 63  TYR A CG  1 
ATOM   504 C CD1 . TYR A 1 63  ? 1.184   -16.510 -1.928  1.00 40.24 ? 63  TYR A CD1 1 
ATOM   505 C CD2 . TYR A 1 63  ? -0.660  -15.037 -1.524  1.00 41.21 ? 63  TYR A CD2 1 
ATOM   506 C CE1 . TYR A 1 63  ? 1.398   -15.908 -3.170  1.00 41.20 ? 63  TYR A CE1 1 
ATOM   507 C CE2 . TYR A 1 63  ? -0.454  -14.427 -2.759  1.00 40.33 ? 63  TYR A CE2 1 
ATOM   508 C CZ  . TYR A 1 63  ? 0.575   -14.865 -3.574  1.00 40.45 ? 63  TYR A CZ  1 
ATOM   509 O OH  . TYR A 1 63  ? 0.779   -14.259 -4.792  1.00 43.15 ? 63  TYR A OH  1 
ATOM   510 N N   . LYS A 1 64  ? 2.567   -17.853 1.780   1.00 46.00 ? 64  LYS A N   1 
ATOM   511 C CA  . LYS A 1 64  ? 3.886   -18.448 1.677   1.00 48.72 ? 64  LYS A CA  1 
ATOM   512 C C   . LYS A 1 64  ? 3.952   -19.339 0.453   1.00 49.07 ? 64  LYS A C   1 
ATOM   513 O O   . LYS A 1 64  ? 3.051   -20.133 0.200   1.00 49.60 ? 64  LYS A O   1 
ATOM   514 C CB  . LYS A 1 64  ? 4.194   -19.280 2.923   1.00 50.25 ? 64  LYS A CB  1 
ATOM   515 C CG  . LYS A 1 64  ? 4.026   -18.534 4.240   1.00 55.63 ? 64  LYS A CG  1 
ATOM   516 C CD  . LYS A 1 64  ? 5.058   -17.423 4.423   1.00 58.02 ? 64  LYS A CD  1 
ATOM   517 C CE  . LYS A 1 64  ? 6.448   -17.967 4.753   1.00 59.74 ? 64  LYS A CE  1 
ATOM   518 N NZ  . LYS A 1 64  ? 7.041   -18.784 3.654   1.00 61.56 ? 64  LYS A NZ  1 
ATOM   519 N N   . VAL A 1 65  ? 5.016   -19.181 -0.321  1.00 51.43 ? 65  VAL A N   1 
ATOM   520 C CA  . VAL A 1 65  ? 5.224   -20.002 -1.498  1.00 54.82 ? 65  VAL A CA  1 
ATOM   521 C C   . VAL A 1 65  ? 6.347   -20.947 -1.098  1.00 57.71 ? 65  VAL A C   1 
ATOM   522 O O   . VAL A 1 65  ? 7.520   -20.563 -1.097  1.00 56.00 ? 65  VAL A O   1 
ATOM   523 C CB  . VAL A 1 65  ? 5.658   -19.157 -2.712  1.00 54.05 ? 65  VAL A CB  1 
ATOM   524 C CG1 . VAL A 1 65  ? 5.974   -20.063 -3.890  1.00 53.91 ? 65  VAL A CG1 1 
ATOM   525 C CG2 . VAL A 1 65  ? 4.549   -18.186 -3.087  1.00 53.95 ? 65  VAL A CG2 1 
ATOM   526 N N   . ILE A 1 66  ? 5.977   -22.172 -0.728  1.00 61.23 ? 66  ILE A N   1 
ATOM   527 C CA  . ILE A 1 66  ? 6.952   -23.166 -0.300  1.00 65.79 ? 66  ILE A CA  1 
ATOM   528 C C   . ILE A 1 66  ? 7.274   -24.164 -1.404  1.00 68.46 ? 66  ILE A C   1 
ATOM   529 O O   . ILE A 1 66  ? 7.519   -25.342 -1.137  1.00 69.63 ? 66  ILE A O   1 
ATOM   530 C CB  . ILE A 1 66  ? 6.465   -23.943 0.963   1.00 66.39 ? 66  ILE A CB  1 
ATOM   531 C CG1 . ILE A 1 66  ? 5.384   -24.970 0.598   1.00 66.78 ? 66  ILE A CG1 1 
ATOM   532 C CG2 . ILE A 1 66  ? 5.934   -22.957 1.997   1.00 66.13 ? 66  ILE A CG2 1 
ATOM   533 C CD1 . ILE A 1 66  ? 4.091   -24.381 0.091   1.00 68.45 ? 66  ILE A CD1 1 
ATOM   534 N N   . ALA A 1 67  ? 7.279   -23.684 -2.645  1.00 71.07 ? 67  ALA A N   1 
ATOM   535 C CA  . ALA A 1 67  ? 7.590   -24.531 -3.789  1.00 72.97 ? 67  ALA A CA  1 
ATOM   536 C C   . ALA A 1 67  ? 9.068   -24.877 -3.744  1.00 74.55 ? 67  ALA A C   1 
ATOM   537 O O   . ALA A 1 67  ? 9.709   -25.080 -4.771  1.00 75.77 ? 67  ALA A O   1 
ATOM   538 C CB  . ALA A 1 67  ? 7.258   -23.817 -5.086  1.00 73.53 ? 67  ALA A CB  1 
ATOM   539 N N   . ASP A 1 68  ? 9.596   -24.916 -2.526  1.00 75.77 ? 68  ASP A N   1 
ATOM   540 C CA  . ASP A 1 68  ? 10.991  -25.252 -2.251  1.00 76.10 ? 68  ASP A CA  1 
ATOM   541 C C   . ASP A 1 68  ? 12.022  -24.150 -2.525  1.00 75.44 ? 68  ASP A C   1 
ATOM   542 O O   . ASP A 1 68  ? 13.075  -24.369 -3.118  1.00 75.24 ? 68  ASP A O   1 
ATOM   543 C CB  . ASP A 1 68  ? 11.365  -26.561 -2.959  1.00 78.49 ? 68  ASP A CB  1 
ATOM   544 C CG  . ASP A 1 68  ? 10.404  -27.707 -2.627  1.00 79.89 ? 68  ASP A CG  1 
ATOM   545 O OD1 . ASP A 1 68  ? 9.553   -27.547 -1.722  1.00 80.35 ? 68  ASP A OD1 1 
ATOM   546 O OD2 . ASP A 1 68  ? 10.500  -28.775 -3.268  1.00 80.71 ? 68  ASP A OD2 1 
ATOM   547 N N   . ARG A 1 69  ? 11.649  -22.967 -2.060  1.00 73.87 ? 69  ARG A N   1 
ATOM   548 C CA  . ARG A 1 69  ? 12.421  -21.740 -2.070  1.00 72.05 ? 69  ARG A CA  1 
ATOM   549 C C   . ARG A 1 69  ? 11.493  -20.892 -1.230  1.00 68.73 ? 69  ARG A C   1 
ATOM   550 O O   . ARG A 1 69  ? 10.812  -20.032 -1.772  1.00 68.86 ? 69  ARG A O   1 
ATOM   551 C CB  . ARG A 1 69  ? 12.552  -21.068 -3.447  1.00 74.24 ? 69  ARG A CB  1 
ATOM   552 C CG  . ARG A 1 69  ? 12.515  -21.959 -4.672  1.00 76.94 ? 69  ARG A CG  1 
ATOM   553 C CD  . ARG A 1 69  ? 12.798  -21.143 -5.938  1.00 78.25 ? 69  ARG A CD  1 
ATOM   554 N NE  . ARG A 1 69  ? 12.817  -21.986 -7.133  1.00 80.41 ? 69  ARG A NE  1 
ATOM   555 C CZ  . ARG A 1 69  ? 11.831  -22.809 -7.477  1.00 80.57 ? 69  ARG A CZ  1 
ATOM   556 N NH1 . ARG A 1 69  ? 10.745  -22.898 -6.721  1.00 81.21 ? 69  ARG A NH1 1 
ATOM   557 N NH2 . ARG A 1 69  ? 11.935  -23.564 -8.564  1.00 80.97 ? 69  ARG A NH2 1 
ATOM   558 N N   . PRO A 1 70  ? 11.395  -21.166 0.087   1.00 65.54 ? 70  PRO A N   1 
ATOM   559 C CA  . PRO A 1 70  ? 10.556  -20.439 1.049   1.00 62.10 ? 70  PRO A CA  1 
ATOM   560 C C   . PRO A 1 70  ? 10.570  -18.915 0.837   1.00 57.87 ? 70  PRO A C   1 
ATOM   561 O O   . PRO A 1 70  ? 11.622  -18.267 0.936   1.00 57.68 ? 70  PRO A O   1 
ATOM   562 C CB  . PRO A 1 70  ? 11.188  -20.833 2.377   1.00 63.82 ? 70  PRO A CB  1 
ATOM   563 C CG  . PRO A 1 70  ? 11.419  -22.332 2.139   1.00 64.08 ? 70  PRO A CG  1 
ATOM   564 C CD  . PRO A 1 70  ? 11.894  -22.422 0.684   1.00 64.15 ? 70  PRO A CD  1 
ATOM   565 N N   . ARG A 1 71  ? 9.392   -18.358 0.573   1.00 53.34 ? 71  ARG A N   1 
ATOM   566 C CA  . ARG A 1 71  ? 9.238   -16.931 0.353   1.00 49.08 ? 71  ARG A CA  1 
ATOM   567 C C   . ARG A 1 71  ? 7.810   -16.497 0.624   1.00 44.61 ? 71  ARG A C   1 
ATOM   568 O O   . ARG A 1 71  ? 6.847   -17.196 0.295   1.00 41.44 ? 71  ARG A O   1 
ATOM   569 C CB  . ARG A 1 71  ? 9.615   -16.568 -1.083  1.00 52.95 ? 71  ARG A CB  1 
ATOM   570 C CG  . ARG A 1 71  ? 11.113  -16.487 -1.308  1.00 58.73 ? 71  ARG A CG  1 
ATOM   571 C CD  . ARG A 1 71  ? 11.456  -16.188 -2.761  1.00 63.76 ? 71  ARG A CD  1 
ATOM   572 N NE  . ARG A 1 71  ? 11.034  -17.260 -3.659  1.00 67.66 ? 71  ARG A NE  1 
ATOM   573 C CZ  . ARG A 1 71  ? 11.431  -17.375 -4.924  1.00 69.75 ? 71  ARG A CZ  1 
ATOM   574 N NH1 . ARG A 1 71  ? 12.266  -16.484 -5.445  1.00 71.28 ? 71  ARG A NH1 1 
ATOM   575 N NH2 . ARG A 1 71  ? 10.995  -18.385 -5.668  1.00 70.35 ? 71  ARG A NH2 1 
ATOM   576 N N   . THR A 1 72  ? 7.693   -15.346 1.266   1.00 39.91 ? 72  THR A N   1 
ATOM   577 C CA  . THR A 1 72  ? 6.399   -14.778 1.560   1.00 38.29 ? 72  THR A CA  1 
ATOM   578 C C   . THR A 1 72  ? 6.162   -13.758 0.457   1.00 36.81 ? 72  THR A C   1 
ATOM   579 O O   . THR A 1 72  ? 7.011   -12.901 0.194   1.00 36.31 ? 72  THR A O   1 
ATOM   580 C CB  . THR A 1 72  ? 6.382   -14.061 2.929   1.00 40.01 ? 72  THR A CB  1 
ATOM   581 O OG1 . THR A 1 72  ? 6.699   -14.995 3.965   1.00 38.50 ? 72  THR A OG1 1 
ATOM   582 C CG2 . THR A 1 72  ? 5.000   -13.476 3.205   1.00 38.34 ? 72  THR A CG2 1 
ATOM   583 N N   . VAL A 1 73  ? 5.018   -13.867 -0.205  1.00 34.18 ? 73  VAL A N   1 
ATOM   584 C CA  . VAL A 1 73  ? 4.678   -12.945 -1.275  1.00 34.25 ? 73  VAL A CA  1 
ATOM   585 C C   . VAL A 1 73  ? 3.582   -11.990 -0.804  1.00 34.03 ? 73  VAL A C   1 
ATOM   586 O O   . VAL A 1 73  ? 2.668   -12.385 -0.071  1.00 32.80 ? 73  VAL A O   1 
ATOM   587 C CB  . VAL A 1 73  ? 4.195   -13.712 -2.539  1.00 34.75 ? 73  VAL A CB  1 
ATOM   588 C CG1 . VAL A 1 73  ? 3.699   -12.736 -3.603  1.00 32.60 ? 73  VAL A CG1 1 
ATOM   589 C CG2 . VAL A 1 73  ? 5.337   -14.557 -3.096  1.00 36.16 ? 73  VAL A CG2 1 
ATOM   590 N N   . VAL A 1 74  ? 3.703   -10.726 -1.200  1.00 32.00 ? 74  VAL A N   1 
ATOM   591 C CA  . VAL A 1 74  ? 2.709   -9.718  -0.857  1.00 29.31 ? 74  VAL A CA  1 
ATOM   592 C C   . VAL A 1 74  ? 1.992   -9.383  -2.156  1.00 29.84 ? 74  VAL A C   1 
ATOM   593 O O   . VAL A 1 74  ? 2.627   -9.047  -3.147  1.00 30.14 ? 74  VAL A O   1 
ATOM   594 C CB  . VAL A 1 74  ? 3.355   -8.432  -0.298  1.00 26.49 ? 74  VAL A CB  1 
ATOM   595 C CG1 . VAL A 1 74  ? 2.275   -7.428  0.050   1.00 28.65 ? 74  VAL A CG1 1 
ATOM   596 C CG2 . VAL A 1 74  ? 4.181   -8.760  0.932   1.00 28.46 ? 74  VAL A CG2 1 
ATOM   597 N N   . GLU A 1 75  ? 0.671   -9.487  -2.153  1.00 28.69 ? 75  GLU A N   1 
ATOM   598 C CA  . GLU A 1 75  ? -0.098  -9.205  -3.352  1.00 31.13 ? 75  GLU A CA  1 
ATOM   599 C C   . GLU A 1 75  ? -1.186  -8.192  -3.053  1.00 29.78 ? 75  GLU A C   1 
ATOM   600 O O   . GLU A 1 75  ? -1.870  -8.290  -2.036  1.00 29.72 ? 75  GLU A O   1 
ATOM   601 C CB  . GLU A 1 75  ? -0.736  -10.497 -3.881  1.00 33.98 ? 75  GLU A CB  1 
ATOM   602 C CG  . GLU A 1 75  ? -1.311  -10.378 -5.278  1.00 38.81 ? 75  GLU A CG  1 
ATOM   603 C CD  . GLU A 1 75  ? -1.978  -11.658 -5.748  1.00 41.62 ? 75  GLU A CD  1 
ATOM   604 O OE1 . GLU A 1 75  ? -1.418  -12.748 -5.492  1.00 43.05 ? 75  GLU A OE1 1 
ATOM   605 O OE2 . GLU A 1 75  ? -3.054  -11.574 -6.379  1.00 42.11 ? 75  GLU A OE2 1 
ATOM   606 N N   . ILE A 1 76  ? -1.338  -7.208  -3.932  1.00 28.84 ? 76  ILE A N   1 
ATOM   607 C CA  . ILE A 1 76  ? -2.376  -6.202  -3.754  1.00 28.99 ? 76  ILE A CA  1 
ATOM   608 C C   . ILE A 1 76  ? -3.669  -6.835  -4.268  1.00 30.70 ? 76  ILE A C   1 
ATOM   609 O O   . ILE A 1 76  ? -3.664  -7.525  -5.292  1.00 29.85 ? 76  ILE A O   1 
ATOM   610 C CB  . ILE A 1 76  ? -2.033  -4.896  -4.537  1.00 29.35 ? 76  ILE A CB  1 
ATOM   611 C CG1 . ILE A 1 76  ? -3.033  -3.785  -4.186  1.00 28.61 ? 76  ILE A CG1 1 
ATOM   612 C CG2 . ILE A 1 76  ? -2.033  -5.164  -6.040  1.00 29.88 ? 76  ILE A CG2 1 
ATOM   613 C CD1 . ILE A 1 76  ? -2.626  -2.408  -4.700  1.00 28.32 ? 76  ILE A CD1 1 
ATOM   614 N N   . THR A 1 77  ? -4.765  -6.644  -3.538  1.00 30.23 ? 77  THR A N   1 
ATOM   615 C CA  . THR A 1 77  ? -6.043  -7.216  -3.938  1.00 30.74 ? 77  THR A CA  1 
ATOM   616 C C   . THR A 1 77  ? -6.748  -6.271  -4.892  1.00 32.20 ? 77  THR A C   1 
ATOM   617 O O   . THR A 1 77  ? -6.340  -5.121  -5.047  1.00 29.68 ? 77  THR A O   1 
ATOM   618 C CB  . THR A 1 77  ? -6.973  -7.445  -2.725  1.00 32.28 ? 77  THR A CB  1 
ATOM   619 O OG1 . THR A 1 77  ? -7.269  -6.187  -2.100  1.00 31.03 ? 77  THR A OG1 1 
ATOM   620 C CG2 . THR A 1 77  ? -6.316  -8.381  -1.719  1.00 29.64 ? 77  THR A CG2 1 
ATOM   621 N N   . ASP A 1 78  ? -7.802  -6.760  -5.537  1.00 31.69 ? 78  ASP A N   1 
ATOM   622 C CA  . ASP A 1 78  ? -8.565  -5.929  -6.460  1.00 33.80 ? 78  ASP A CA  1 
ATOM   623 C C   . ASP A 1 78  ? -9.151  -4.744  -5.698  1.00 31.78 ? 78  ASP A C   1 
ATOM   624 O O   . ASP A 1 78  ? -9.183  -3.622  -6.207  1.00 31.94 ? 78  ASP A O   1 
ATOM   625 C CB  . ASP A 1 78  ? -9.665  -6.758  -7.125  1.00 38.58 ? 78  ASP A CB  1 
ATOM   626 C CG  . ASP A 1 78  ? -9.100  -7.910  -7.946  1.00 44.43 ? 78  ASP A CG  1 
ATOM   627 O OD1 . ASP A 1 78  ? -8.203  -7.660  -8.781  1.00 43.97 ? 78  ASP A OD1 1 
ATOM   628 O OD2 . ASP A 1 78  ? -9.543  -9.065  -7.754  1.00 48.68 ? 78  ASP A OD2 1 
ATOM   629 N N   . PHE A 1 79  ? -9.593  -4.988  -4.467  1.00 29.84 ? 79  PHE A N   1 
ATOM   630 C CA  . PHE A 1 79  ? -10.137 -3.917  -3.639  1.00 30.67 ? 79  PHE A CA  1 
ATOM   631 C C   . PHE A 1 79  ? -9.001  -2.932  -3.339  1.00 31.92 ? 79  PHE A C   1 
ATOM   632 O O   . PHE A 1 79  ? -9.176  -1.718  -3.434  1.00 30.59 ? 79  PHE A O   1 
ATOM   633 C CB  . PHE A 1 79  ? -10.686 -4.478  -2.323  1.00 30.00 ? 79  PHE A CB  1 
ATOM   634 C CG  . PHE A 1 79  ? -11.113 -3.418  -1.339  1.00 29.39 ? 79  PHE A CG  1 
ATOM   635 C CD1 . PHE A 1 79  ? -12.200 -2.590  -1.609  1.00 31.05 ? 79  PHE A CD1 1 
ATOM   636 C CD2 . PHE A 1 79  ? -10.437 -3.260  -0.135  1.00 28.28 ? 79  PHE A CD2 1 
ATOM   637 C CE1 . PHE A 1 79  ? -12.610 -1.622  -0.693  1.00 30.66 ? 79  PHE A CE1 1 
ATOM   638 C CE2 . PHE A 1 79  ? -10.837 -2.292  0.799   1.00 31.24 ? 79  PHE A CE2 1 
ATOM   639 C CZ  . PHE A 1 79  ? -11.927 -1.474  0.519   1.00 32.47 ? 79  PHE A CZ  1 
ATOM   640 N N   . GLY A 1 80  ? -7.839  -3.470  -2.973  1.00 30.25 ? 80  GLY A N   1 
ATOM   641 C CA  . GLY A 1 80  ? -6.694  -2.625  -2.680  1.00 29.00 ? 80  GLY A CA  1 
ATOM   642 C C   . GLY A 1 80  ? -6.373  -1.701  -3.841  1.00 28.17 ? 80  GLY A C   1 
ATOM   643 O O   . GLY A 1 80  ? -6.152  -0.506  -3.652  1.00 28.46 ? 80  GLY A O   1 
ATOM   644 N N   . MET A 1 81  ? -6.353  -2.246  -5.054  1.00 28.75 ? 81  MET A N   1 
ATOM   645 C CA  . MET A 1 81  ? -6.068  -1.431  -6.232  1.00 29.56 ? 81  MET A CA  1 
ATOM   646 C C   . MET A 1 81  ? -7.072  -0.285  -6.392  1.00 27.96 ? 81  MET A C   1 
ATOM   647 O O   . MET A 1 81  ? -6.684  0.853   -6.653  1.00 27.33 ? 81  MET A O   1 
ATOM   648 C CB  . MET A 1 81  ? -6.077  -2.292  -7.500  1.00 28.23 ? 81  MET A CB  1 
ATOM   649 C CG  . MET A 1 81  ? -4.996  -3.366  -7.540  1.00 33.46 ? 81  MET A CG  1 
ATOM   650 S SD  . MET A 1 81  ? -4.986  -4.294  -9.095  1.00 29.40 ? 81  MET A SD  1 
ATOM   651 C CE  . MET A 1 81  ? -4.610  -2.972  -10.235 1.00 31.95 ? 81  MET A CE  1 
ATOM   652 N N   . GLU A 1 82  ? -8.359  -0.579  -6.239  1.00 31.39 ? 82  GLU A N   1 
ATOM   653 C CA  . GLU A 1 82  ? -9.378  0.459   -6.383  1.00 33.01 ? 82  GLU A CA  1 
ATOM   654 C C   . GLU A 1 82  ? -9.348  1.511   -5.276  1.00 31.71 ? 82  GLU A C   1 
ATOM   655 O O   . GLU A 1 82  ? -9.500  2.704   -5.549  1.00 32.52 ? 82  GLU A O   1 
ATOM   656 C CB  . GLU A 1 82  ? -10.773 -0.170  -6.477  1.00 36.74 ? 82  GLU A CB  1 
ATOM   657 C CG  . GLU A 1 82  ? -11.220 -0.402  -7.913  1.00 45.19 ? 82  GLU A CG  1 
ATOM   658 C CD  . GLU A 1 82  ? -12.611 -0.994  -8.011  1.00 51.55 ? 82  GLU A CD  1 
ATOM   659 O OE1 . GLU A 1 82  ? -13.500 -0.536  -7.261  1.00 54.47 ? 82  GLU A OE1 1 
ATOM   660 O OE2 . GLU A 1 82  ? -12.823 -1.907  -8.843  1.00 55.31 ? 82  GLU A OE2 1 
ATOM   661 N N   . GLU A 1 83  ? -9.156  1.077   -4.036  1.00 30.49 ? 83  GLU A N   1 
ATOM   662 C CA  . GLU A 1 83  ? -9.093  2.005   -2.910  1.00 32.69 ? 83  GLU A CA  1 
ATOM   663 C C   . GLU A 1 83  ? -7.908  2.943   -3.074  1.00 31.62 ? 83  GLU A C   1 
ATOM   664 O O   . GLU A 1 83  ? -8.022  4.144   -2.841  1.00 33.58 ? 83  GLU A O   1 
ATOM   665 C CB  . GLU A 1 83  ? -8.957  1.249   -1.582  1.00 30.66 ? 83  GLU A CB  1 
ATOM   666 C CG  . GLU A 1 83  ? -10.245 0.656   -1.080  1.00 37.53 ? 83  GLU A CG  1 
ATOM   667 C CD  . GLU A 1 83  ? -11.277 1.715   -0.695  1.00 36.55 ? 83  GLU A CD  1 
ATOM   668 O OE1 . GLU A 1 83  ? -11.211 2.265   0.427   1.00 38.18 ? 83  GLU A OE1 1 
ATOM   669 O OE2 . GLU A 1 83  ? -12.150 2.004   -1.529  1.00 37.52 ? 83  GLU A OE2 1 
ATOM   670 N N   . ALA A 1 84  ? -6.767  2.385   -3.472  1.00 32.47 ? 84  ALA A N   1 
ATOM   671 C CA  . ALA A 1 84  ? -5.563  3.182   -3.668  1.00 30.35 ? 84  ALA A CA  1 
ATOM   672 C C   . ALA A 1 84  ? -5.801  4.222   -4.753  1.00 31.55 ? 84  ALA A C   1 
ATOM   673 O O   . ALA A 1 84  ? -5.431  5.385   -4.592  1.00 29.40 ? 84  ALA A O   1 
ATOM   674 C CB  . ALA A 1 84  ? -4.393  2.288   -4.048  1.00 31.34 ? 84  ALA A CB  1 
ATOM   675 N N   . LYS A 1 85  ? -6.414  3.801   -5.859  1.00 31.23 ? 85  LYS A N   1 
ATOM   676 C CA  . LYS A 1 85  ? -6.700  4.721   -6.957  1.00 34.10 ? 85  LYS A CA  1 
ATOM   677 C C   . LYS A 1 85  ? -7.645  5.826   -6.503  1.00 33.58 ? 85  LYS A C   1 
ATOM   678 O O   . LYS A 1 85  ? -7.446  6.991   -6.845  1.00 34.33 ? 85  LYS A O   1 
ATOM   679 C CB  . LYS A 1 85  ? -7.299  3.972   -8.150  1.00 35.77 ? 85  LYS A CB  1 
ATOM   680 C CG  . LYS A 1 85  ? -6.278  3.164   -8.927  1.00 37.90 ? 85  LYS A CG  1 
ATOM   681 C CD  . LYS A 1 85  ? -6.949  2.252   -9.937  1.00 42.33 ? 85  LYS A CD  1 
ATOM   682 C CE  . LYS A 1 85  ? -5.930  1.321   -10.577 1.00 45.93 ? 85  LYS A CE  1 
ATOM   683 N NZ  . LYS A 1 85  ? -6.580  0.274   -11.415 1.00 48.71 ? 85  LYS A NZ  1 
ATOM   684 N N   . ARG A 1 86  ? -8.668  5.461   -5.733  1.00 34.52 ? 86  ARG A N   1 
ATOM   685 C CA  . ARG A 1 86  ? -9.619  6.450   -5.226  1.00 35.42 ? 86  ARG A CA  1 
ATOM   686 C C   . ARG A 1 86  ? -8.879  7.459   -4.355  1.00 33.36 ? 86  ARG A C   1 
ATOM   687 O O   . ARG A 1 86  ? -9.040  8.669   -4.505  1.00 32.41 ? 86  ARG A O   1 
ATOM   688 C CB  . ARG A 1 86  ? -10.708 5.797   -4.370  1.00 37.95 ? 86  ARG A CB  1 
ATOM   689 C CG  . ARG A 1 86  ? -11.683 4.915   -5.106  1.00 44.96 ? 86  ARG A CG  1 
ATOM   690 C CD  . ARG A 1 86  ? -12.891 4.647   -4.221  1.00 46.76 ? 86  ARG A CD  1 
ATOM   691 N NE  . ARG A 1 86  ? -13.858 3.781   -4.882  1.00 52.03 ? 86  ARG A NE  1 
ATOM   692 C CZ  . ARG A 1 86  ? -13.818 2.455   -4.863  1.00 52.65 ? 86  ARG A CZ  1 
ATOM   693 N NH1 . ARG A 1 86  ? -12.856 1.818   -4.208  1.00 53.75 ? 86  ARG A NH1 1 
ATOM   694 N NH2 . ARG A 1 86  ? -14.744 1.765   -5.510  1.00 56.13 ? 86  ARG A NH2 1 
ATOM   695 N N   . PHE A 1 87  ? -8.084  6.954   -3.422  1.00 31.13 ? 87  PHE A N   1 
ATOM   696 C CA  . PHE A 1 87  ? -7.337  7.839   -2.544  1.00 30.74 ? 87  PHE A CA  1 
ATOM   697 C C   . PHE A 1 87  ? -6.351  8.707   -3.326  1.00 29.71 ? 87  PHE A C   1 
ATOM   698 O O   . PHE A 1 87  ? -6.222  9.900   -3.059  1.00 28.71 ? 87  PHE A O   1 
ATOM   699 C CB  . PHE A 1 87  ? -6.573  7.041   -1.487  1.00 31.89 ? 87  PHE A CB  1 
ATOM   700 C CG  . PHE A 1 87  ? -5.737  7.902   -0.586  1.00 34.71 ? 87  PHE A CG  1 
ATOM   701 C CD1 . PHE A 1 87  ? -6.335  8.715   0.372   1.00 35.75 ? 87  PHE A CD1 1 
ATOM   702 C CD2 . PHE A 1 87  ? -4.353  7.942   -0.731  1.00 35.21 ? 87  PHE A CD2 1 
ATOM   703 C CE1 . PHE A 1 87  ? -5.567  9.561   1.173   1.00 37.57 ? 87  PHE A CE1 1 
ATOM   704 C CE2 . PHE A 1 87  ? -3.575  8.783   0.065   1.00 37.16 ? 87  PHE A CE2 1 
ATOM   705 C CZ  . PHE A 1 87  ? -4.183  9.594   1.017   1.00 37.37 ? 87  PHE A CZ  1 
ATOM   706 N N   . LEU A 1 88  ? -5.647  8.115   -4.283  1.00 28.89 ? 88  LEU A N   1 
ATOM   707 C CA  . LEU A 1 88  ? -4.681  8.882   -5.063  1.00 30.32 ? 88  LEU A CA  1 
ATOM   708 C C   . LEU A 1 88  ? -5.362  9.948   -5.913  1.00 30.72 ? 88  LEU A C   1 
ATOM   709 O O   . LEU A 1 88  ? -4.794  11.009  -6.160  1.00 30.62 ? 88  LEU A O   1 
ATOM   710 C CB  . LEU A 1 88  ? -3.854  7.953   -5.950  1.00 29.50 ? 88  LEU A CB  1 
ATOM   711 C CG  . LEU A 1 88  ? -2.895  7.018   -5.206  1.00 31.99 ? 88  LEU A CG  1 
ATOM   712 C CD1 . LEU A 1 88  ? -2.153  6.165   -6.211  1.00 31.60 ? 88  LEU A CD1 1 
ATOM   713 C CD2 . LEU A 1 88  ? -1.910  7.824   -4.371  1.00 31.60 ? 88  LEU A CD2 1 
ATOM   714 N N   . SER A 1 89  ? -6.579  9.661   -6.361  1.00 31.96 ? 89  SER A N   1 
ATOM   715 C CA  . SER A 1 89  ? -7.332  10.612  -7.166  1.00 33.43 ? 89  SER A CA  1 
ATOM   716 C C   . SER A 1 89  ? -7.803  11.783  -6.314  1.00 31.96 ? 89  SER A C   1 
ATOM   717 O O   . SER A 1 89  ? -7.787  12.927  -6.766  1.00 31.97 ? 89  SER A O   1 
ATOM   718 C CB  . SER A 1 89  ? -8.539  9.929   -7.813  1.00 34.19 ? 89  SER A CB  1 
ATOM   719 O OG  . SER A 1 89  ? -8.104  8.942   -8.731  1.00 38.99 ? 89  SER A OG  1 
ATOM   720 N N   . SER A 1 90  ? -8.226  11.496  -5.084  1.00 31.77 ? 90  SER A N   1 
ATOM   721 C CA  . SER A 1 90  ? -8.687  12.543  -4.181  1.00 33.64 ? 90  SER A CA  1 
ATOM   722 C C   . SER A 1 90  ? -7.518  13.458  -3.850  1.00 34.79 ? 90  SER A C   1 
ATOM   723 O O   . SER A 1 90  ? -7.665  14.680  -3.803  1.00 32.66 ? 90  SER A O   1 
ATOM   724 C CB  . SER A 1 90  ? -9.245  11.941  -2.891  1.00 36.56 ? 90  SER A CB  1 
ATOM   725 O OG  . SER A 1 90  ? -10.475 11.272  -3.122  1.00 40.37 ? 90  SER A OG  1 
ATOM   726 N N   . LEU A 1 91  ? -6.357  12.849  -3.625  1.00 33.81 ? 91  LEU A N   1 
ATOM   727 C CA  . LEU A 1 91  ? -5.141  13.584  -3.302  1.00 33.99 ? 91  LEU A CA  1 
ATOM   728 C C   . LEU A 1 91  ? -4.735  14.481  -4.464  1.00 34.16 ? 91  LEU A C   1 
ATOM   729 O O   . LEU A 1 91  ? -4.328  15.631  -4.273  1.00 34.17 ? 91  LEU A O   1 
ATOM   730 C CB  . LEU A 1 91  ? -4.006  12.603  -3.001  1.00 36.75 ? 91  LEU A CB  1 
ATOM   731 C CG  . LEU A 1 91  ? -3.382  12.659  -1.607  1.00 40.48 ? 91  LEU A CG  1 
ATOM   732 C CD1 . LEU A 1 91  ? -2.242  11.646  -1.525  1.00 42.50 ? 91  LEU A CD1 1 
ATOM   733 C CD2 . LEU A 1 91  ? -2.864  14.074  -1.332  1.00 40.87 ? 91  LEU A CD2 1 
ATOM   734 N N   . LYS A 1 92  ? -4.837  13.943  -5.673  1.00 34.07 ? 92  LYS A N   1 
ATOM   735 C CA  . LYS A 1 92  ? -4.481  14.689  -6.873  1.00 36.87 ? 92  LYS A CA  1 
ATOM   736 C C   . LYS A 1 92  ? -5.388  15.914  -7.037  1.00 36.25 ? 92  LYS A C   1 
ATOM   737 O O   . LYS A 1 92  ? -4.928  16.994  -7.389  1.00 38.05 ? 92  LYS A O   1 
ATOM   738 C CB  . LYS A 1 92  ? -4.598  13.778  -8.097  1.00 37.70 ? 92  LYS A CB  1 
ATOM   739 C CG  . LYS A 1 92  ? -4.294  14.456  -9.424  1.00 43.15 ? 92  LYS A CG  1 
ATOM   740 C CD  . LYS A 1 92  ? -4.653  13.536  -10.589 1.00 45.01 ? 92  LYS A CD  1 
ATOM   741 C CE  . LYS A 1 92  ? -4.464  14.230  -11.926 1.00 47.46 ? 92  LYS A CE  1 
ATOM   742 N NZ  . LYS A 1 92  ? -3.044  14.617  -12.136 1.00 48.31 ? 92  LYS A NZ  1 
ATOM   743 N N   . ALA A 1 93  ? -6.678  15.736  -6.775  1.00 36.96 ? 93  ALA A N   1 
ATOM   744 C CA  . ALA A 1 93  ? -7.645  16.819  -6.895  1.00 36.73 ? 93  ALA A CA  1 
ATOM   745 C C   . ALA A 1 93  ? -7.343  17.940  -5.905  1.00 36.85 ? 93  ALA A C   1 
ATOM   746 O O   . ALA A 1 93  ? -7.430  19.116  -6.250  1.00 34.93 ? 93  ALA A O   1 
ATOM   747 C CB  . ALA A 1 93  ? -9.055  16.285  -6.668  1.00 36.79 ? 93  ALA A CB  1 
ATOM   748 N N   . VAL A 1 94  ? -6.989  17.579  -4.675  1.00 36.80 ? 94  VAL A N   1 
ATOM   749 C CA  . VAL A 1 94  ? -6.670  18.588  -3.667  1.00 36.61 ? 94  VAL A CA  1 
ATOM   750 C C   . VAL A 1 94  ? -5.423  19.359  -4.096  1.00 36.62 ? 94  VAL A C   1 
ATOM   751 O O   . VAL A 1 94  ? -5.395  20.587  -4.055  1.00 36.01 ? 94  VAL A O   1 
ATOM   752 C CB  . VAL A 1 94  ? -6.433  17.944  -2.274  1.00 36.89 ? 94  VAL A CB  1 
ATOM   753 C CG1 . VAL A 1 94  ? -5.989  19.004  -1.268  1.00 36.97 ? 94  VAL A CG1 1 
ATOM   754 C CG2 . VAL A 1 94  ? -7.707  17.293  -1.793  1.00 35.75 ? 94  VAL A CG2 1 
ATOM   755 N N   . ILE A 1 95  ? -4.396  18.638  -4.527  1.00 38.28 ? 95  ILE A N   1 
ATOM   756 C CA  . ILE A 1 95  ? -3.165  19.281  -4.966  1.00 40.88 ? 95  ILE A CA  1 
ATOM   757 C C   . ILE A 1 95  ? -3.402  20.230  -6.152  1.00 43.68 ? 95  ILE A C   1 
ATOM   758 O O   . ILE A 1 95  ? -2.906  21.359  -6.150  1.00 41.99 ? 95  ILE A O   1 
ATOM   759 C CB  . ILE A 1 95  ? -2.091  18.230  -5.348  1.00 41.14 ? 95  ILE A CB  1 
ATOM   760 C CG1 . ILE A 1 95  ? -1.678  17.442  -4.098  1.00 40.30 ? 95  ILE A CG1 1 
ATOM   761 C CG2 . ILE A 1 95  ? -0.879  18.914  -5.980  1.00 40.47 ? 95  ILE A CG2 1 
ATOM   762 C CD1 . ILE A 1 95  ? -0.651  16.350  -4.364  1.00 41.08 ? 95  ILE A CD1 1 
ATOM   763 N N   . ASP A 1 96  ? -4.164  19.782  -7.150  1.00 45.07 ? 96  ASP A N   1 
ATOM   764 C CA  . ASP A 1 96  ? -4.446  20.616  -8.320  1.00 47.28 ? 96  ASP A CA  1 
ATOM   765 C C   . ASP A 1 96  ? -5.140  21.920  -7.948  1.00 47.29 ? 96  ASP A C   1 
ATOM   766 O O   . ASP A 1 96  ? -4.945  22.946  -8.598  1.00 48.62 ? 96  ASP A O   1 
ATOM   767 C CB  . ASP A 1 96  ? -5.317  19.870  -9.335  1.00 48.93 ? 96  ASP A CB  1 
ATOM   768 C CG  . ASP A 1 96  ? -4.591  18.723  -10.002 1.00 52.00 ? 96  ASP A CG  1 
ATOM   769 O OD1 . ASP A 1 96  ? -3.402  18.886  -10.345 1.00 54.14 ? 96  ASP A OD1 1 
ATOM   770 O OD2 . ASP A 1 96  ? -5.214  17.659  -10.197 1.00 54.13 ? 96  ASP A OD2 1 
ATOM   771 N N   . GLY A 1 97  ? -5.956  21.879  -6.905  1.00 47.47 ? 97  GLY A N   1 
ATOM   772 C CA  . GLY A 1 97  ? -6.651  23.077  -6.484  1.00 49.04 ? 97  GLY A CA  1 
ATOM   773 C C   . GLY A 1 97  ? -5.738  24.095  -5.827  1.00 50.24 ? 97  GLY A C   1 
ATOM   774 O O   . GLY A 1 97  ? -6.078  25.275  -5.750  1.00 50.59 ? 97  GLY A O   1 
ATOM   775 N N   . LEU A 1 98  ? -4.573  23.651  -5.365  1.00 50.97 ? 98  LEU A N   1 
ATOM   776 C CA  . LEU A 1 98  ? -3.628  24.540  -4.695  1.00 53.90 ? 98  LEU A CA  1 
ATOM   777 C C   . LEU A 1 98  ? -2.815  25.446  -5.618  1.00 56.98 ? 98  LEU A C   1 
ATOM   778 O O   . LEU A 1 98  ? -2.343  26.501  -5.191  1.00 57.21 ? 98  LEU A O   1 
ATOM   779 C CB  . LEU A 1 98  ? -2.664  23.726  -3.826  1.00 49.13 ? 98  LEU A CB  1 
ATOM   780 C CG  . LEU A 1 98  ? -3.235  23.076  -2.564  1.00 48.69 ? 98  LEU A CG  1 
ATOM   781 C CD1 . LEU A 1 98  ? -2.130  22.306  -1.839  1.00 44.27 ? 98  LEU A CD1 1 
ATOM   782 C CD2 . LEU A 1 98  ? -3.823  24.151  -1.654  1.00 44.50 ? 98  LEU A CD2 1 
ATOM   783 N N   . ASP A 1 99  ? -2.647  25.038  -6.872  1.00 61.46 ? 99  ASP A N   1 
ATOM   784 C CA  . ASP A 1 99  ? -1.871  25.820  -7.834  1.00 65.35 ? 99  ASP A CA  1 
ATOM   785 C C   . ASP A 1 99  ? -0.423  25.978  -7.391  1.00 66.91 ? 99  ASP A C   1 
ATOM   786 O O   . ASP A 1 99  ? -0.050  26.996  -6.803  1.00 68.17 ? 99  ASP A O   1 
ATOM   787 C CB  . ASP A 1 99  ? -2.487  27.208  -8.030  1.00 67.94 ? 99  ASP A CB  1 
ATOM   788 C CG  . ASP A 1 99  ? -3.287  27.312  -9.311  1.00 70.67 ? 99  ASP A CG  1 
ATOM   789 O OD1 . ASP A 1 99  ? -3.842  28.400  -9.581  1.00 71.52 ? 99  ASP A OD1 1 
ATOM   790 O OD2 . ASP A 1 99  ? -3.355  26.303  -10.049 1.00 72.09 ? 99  ASP A OD2 1 
ATOM   791 N N   . LEU A 1 100 ? 0.389   24.967  -7.674  1.00 67.87 ? 100 LEU A N   1 
ATOM   792 C CA  . LEU A 1 100 ? 1.796   24.995  -7.307  1.00 69.22 ? 100 LEU A CA  1 
ATOM   793 C C   . LEU A 1 100 ? 2.666   25.177  -8.541  1.00 70.24 ? 100 LEU A C   1 
ATOM   794 O O   . LEU A 1 100 ? 2.113   25.175  -9.662  1.00 70.83 ? 100 LEU A O   1 
ATOM   795 C CB  . LEU A 1 100 ? 2.172   23.700  -6.581  1.00 69.05 ? 100 LEU A CB  1 
ATOM   796 C CG  . LEU A 1 100 ? 1.857   23.605  -5.080  1.00 69.70 ? 100 LEU A CG  1 
ATOM   797 C CD1 . LEU A 1 100 ? 0.754   24.582  -4.677  1.00 69.06 ? 100 LEU A CD1 1 
ATOM   798 C CD2 . LEU A 1 100 ? 1.468   22.172  -4.754  1.00 68.30 ? 100 LEU A CD2 1 
ATOM   799 O OXT . LEU A 1 100 ? 3.893   25.319  -8.366  1.00 71.76 ? 100 LEU A OXT 1 
HETATM 800 O O   . HOH B 2 .   ? 12.266  -13.771 -1.570  1.00 54.82 ? 101 HOH A O   1 
HETATM 801 O O   . HOH B 2 .   ? 10.276  -12.919 0.661   1.00 34.76 ? 102 HOH A O   1 
HETATM 802 O O   . HOH B 2 .   ? -10.084 -7.925  -0.617  1.00 33.24 ? 103 HOH A O   1 
HETATM 803 O O   . HOH B 2 .   ? 5.242   2.037   -8.476  1.00 35.81 ? 104 HOH A O   1 
HETATM 804 O O   . HOH B 2 .   ? -10.605 -7.594  -3.287  1.00 37.33 ? 105 HOH A O   1 
HETATM 805 O O   . HOH B 2 .   ? 11.731  0.926   8.198   1.00 41.08 ? 106 HOH A O   1 
HETATM 806 O O   . HOH B 2 .   ? -15.182 -0.252  -9.400  1.00 58.35 ? 107 HOH A O   1 
HETATM 807 O O   . HOH B 2 .   ? -2.222  7.232   9.271   1.00 40.67 ? 108 HOH A O   1 
HETATM 808 O O   . HOH B 2 .   ? -6.579  -9.723  2.142   1.00 36.59 ? 109 HOH A O   1 
HETATM 809 O O   . HOH B 2 .   ? 4.592   4.858   10.203  1.00 48.71 ? 110 HOH A O   1 
HETATM 810 O O   . HOH B 2 .   ? 0.075   6.871   10.341  1.00 36.78 ? 111 HOH A O   1 
HETATM 811 O O   . HOH B 2 .   ? 3.396   -9.111  7.294   1.00 54.15 ? 112 HOH A O   1 
HETATM 812 O O   . HOH B 2 .   ? 8.606   -17.582 -4.901  1.00 61.04 ? 113 HOH A O   1 
HETATM 813 O O   . HOH B 2 .   ? 6.450   -6.552  13.045  1.00 52.07 ? 114 HOH A O   1 
HETATM 814 O O   . HOH B 2 .   ? -3.362  -14.680 -5.403  1.00 50.22 ? 115 HOH A O   1 
HETATM 815 O O   . HOH B 2 .   ? -1.334  11.414  3.462   1.00 45.91 ? 116 HOH A O   1 
HETATM 816 O O   . HOH B 2 .   ? 13.121  -12.022 -4.245  1.00 47.59 ? 117 HOH A O   1 
HETATM 817 O O   . HOH B 2 .   ? -14.088 -0.869  -4.592  1.00 48.46 ? 118 HOH A O   1 
HETATM 818 O O   . HOH B 2 .   ? -6.034  -12.156 3.250   1.00 42.05 ? 119 HOH A O   1 
HETATM 819 O O   . HOH B 2 .   ? -9.701  1.286   2.785   1.00 56.05 ? 120 HOH A O   1 
HETATM 820 O O   . HOH B 2 .   ? -2.470  -8.270  -11.982 1.00 49.91 ? 121 HOH A O   1 
HETATM 821 O O   . HOH B 2 .   ? -8.322  -13.816 -3.099  1.00 62.41 ? 122 HOH A O   1 
HETATM 822 O O   . HOH B 2 .   ? -11.304 9.548   -5.465  1.00 47.18 ? 123 HOH A O   1 
HETATM 823 O O   . HOH B 2 .   ? -0.150  3.403   11.921  1.00 43.20 ? 124 HOH A O   1 
HETATM 824 O O   . HOH B 2 .   ? -3.107  17.220  -12.326 1.00 80.80 ? 125 HOH A O   1 
HETATM 825 O O   . HOH B 2 .   ? -7.217  22.282  -3.384  1.00 43.76 ? 126 HOH A O   1 
HETATM 826 O O   . HOH B 2 .   ? 1.143   -6.692  -13.230 1.00 54.90 ? 127 HOH A O   1 
HETATM 827 O O   . HOH B 2 .   ? -8.336  -9.598  -5.242  1.00 46.43 ? 128 HOH A O   1 
HETATM 828 O O   . HOH B 2 .   ? -11.798 8.485   2.383   1.00 65.78 ? 129 HOH A O   1 
HETATM 829 O O   . HOH B 2 .   ? 6.958   3.144   9.842   1.00 41.49 ? 130 HOH A O   1 
HETATM 830 O O   . HOH B 2 .   ? 17.580  -1.936  1.371   1.00 46.11 ? 131 HOH A O   1 
HETATM 831 O O   . HOH B 2 .   ? -8.794  -10.353 0.217   1.00 44.16 ? 132 HOH A O   1 
HETATM 832 O O   . HOH B 2 .   ? -3.594  9.115   10.771  1.00 40.54 ? 133 HOH A O   1 
HETATM 833 O O   . HOH B 2 .   ? -15.412 14.419  4.096   1.00 51.55 ? 134 HOH A O   1 
HETATM 834 O O   . HOH B 2 .   ? -6.282  9.649   9.478   1.00 45.95 ? 135 HOH A O   1 
HETATM 835 O O   . HOH B 2 .   ? -9.720  0.388   9.259   1.00 41.32 ? 136 HOH A O   1 
HETATM 836 O O   . HOH B 2 .   ? 10.332  -13.592 3.616   1.00 58.04 ? 137 HOH A O   1 
HETATM 837 O O   . HOH B 2 .   ? 12.492  -1.679  12.536  1.00 42.35 ? 138 HOH A O   1 
HETATM 838 O O   . HOH B 2 .   ? -10.212 7.960   -0.400  1.00 62.57 ? 139 HOH A O   1 
HETATM 839 O O   . HOH B 2 .   ? -11.677 20.780  0.377   1.00 37.13 ? 140 HOH A O   1 
HETATM 840 O O   . HOH B 2 .   ? -7.431  4.687   4.341   1.00 36.36 ? 141 HOH A O   1 
HETATM 841 O O   . HOH B 2 .   ? -16.951 -1.163  -11.813 1.00 65.01 ? 142 HOH A O   1 
HETATM 842 O O   . HOH B 2 .   ? 7.161   -8.743  -8.008  1.00 61.89 ? 143 HOH A O   1 
HETATM 843 O O   . HOH B 2 .   ? 2.831   -12.286 6.571   1.00 52.43 ? 144 HOH A O   1 
HETATM 844 O O   . HOH B 2 .   ? -12.817 4.878   -1.151  1.00 49.10 ? 145 HOH A O   1 
HETATM 845 O O   . HOH B 2 .   ? -9.359  19.491  -8.500  1.00 59.85 ? 146 HOH A O   1 
HETATM 846 O O   . HOH B 2 .   ? 0.900   -4.736  14.695  1.00 72.35 ? 147 HOH A O   1 
HETATM 847 O O   . HOH B 2 .   ? -9.318  20.872  -0.597  1.00 52.87 ? 148 HOH A O   1 
HETATM 848 O O   . HOH B 2 .   ? -9.076  -3.395  -9.383  1.00 46.84 ? 149 HOH A O   1 
HETATM 849 O O   . HOH B 2 .   ? -9.780  -5.271  -11.355 1.00 68.73 ? 150 HOH A O   1 
HETATM 850 O O   . HOH B 2 .   ? -12.017 14.534  -6.237  1.00 50.13 ? 151 HOH A O   1 
HETATM 851 O O   . HOH B 2 .   ? -14.074 5.842   2.661   1.00 59.93 ? 152 HOH A O   1 
HETATM 852 O O   . HOH B 2 .   ? 14.549  -18.579 -13.280 1.00 58.07 ? 153 HOH A O   1 
HETATM 853 O O   . HOH B 2 .   ? 4.516   19.664  -13.813 1.00 59.69 ? 154 HOH A O   1 
HETATM 854 O O   . HOH B 2 .   ? 19.944  -9.105  4.920   0.5  52.04 ? 155 HOH A O   1 
HETATM 855 O O   . HOH B 2 .   ? 5.688   24.904  -9.700  1.00 55.97 ? 156 HOH A O   1 
HETATM 856 O O   . HOH B 2 .   ? -8.056  23.027  -0.123  1.00 60.26 ? 157 HOH A O   1 
# 
